data_9CUV
#
_entry.id   9CUV
#
_entity_poly.entity_id   1
_entity_poly.type   'polypeptide(L)'
_entity_poly.pdbx_seq_one_letter_code
;GSAQADFDIPAGPLAPALAHFGQSAHILLSYPTALTEGRSTSGLAGRFDIDQGLAILLAGTGLEASRGANASYSLQASAS
TG
;
_entity_poly.pdbx_strand_id   A
#
# COMPACT_ATOMS: atom_id res chain seq x y z
N GLY A 1 -2.93 0.59 -10.61
CA GLY A 1 -3.77 0.06 -9.50
C GLY A 1 -5.12 -0.43 -9.98
N SER A 2 -5.30 -1.74 -9.99
CA SER A 2 -6.54 -2.37 -10.43
C SER A 2 -6.45 -3.87 -10.29
N ALA A 3 -5.92 -4.32 -9.16
CA ALA A 3 -5.77 -5.74 -8.90
C ALA A 3 -6.34 -6.09 -7.54
N GLN A 4 -7.39 -6.90 -7.55
CA GLN A 4 -8.04 -7.30 -6.33
C GLN A 4 -7.56 -8.68 -5.91
N ALA A 5 -7.50 -8.92 -4.60
CA ALA A 5 -7.02 -10.18 -4.08
C ALA A 5 -7.26 -10.31 -2.59
N ASP A 6 -6.60 -11.32 -2.00
CA ASP A 6 -6.68 -11.58 -0.57
C ASP A 6 -5.41 -11.02 0.06
N PHE A 7 -5.56 -10.18 1.07
CA PHE A 7 -4.41 -9.54 1.68
C PHE A 7 -4.20 -10.00 3.10
N ASP A 8 -2.97 -9.80 3.59
CA ASP A 8 -2.57 -10.23 4.93
C ASP A 8 -1.32 -9.49 5.39
N ILE A 9 -1.52 -8.33 6.00
CA ILE A 9 -0.45 -7.48 6.49
C ILE A 9 -0.94 -6.72 7.72
N PRO A 10 -0.21 -6.78 8.85
CA PRO A 10 -0.57 -6.05 10.07
C PRO A 10 -0.05 -4.64 10.02
N ALA A 11 -0.29 -3.88 11.08
CA ALA A 11 0.21 -2.51 11.09
C ALA A 11 1.71 -2.53 11.07
N GLY A 12 2.21 -2.56 9.85
CA GLY A 12 3.62 -2.65 9.59
C GLY A 12 4.15 -1.51 8.76
N PRO A 13 5.49 -1.35 8.69
CA PRO A 13 6.07 -0.38 7.81
C PRO A 13 5.30 -0.37 6.49
N LEU A 14 5.19 0.78 5.86
CA LEU A 14 4.47 0.89 4.59
C LEU A 14 5.16 0.07 3.46
N ALA A 15 6.45 0.34 3.24
CA ALA A 15 7.26 -0.31 2.21
C ALA A 15 6.94 -1.79 2.04
N PRO A 16 7.10 -2.55 3.12
CA PRO A 16 6.91 -3.97 3.08
C PRO A 16 5.46 -4.33 3.16
N ALA A 17 4.64 -3.33 3.50
CA ALA A 17 3.22 -3.58 3.51
C ALA A 17 2.82 -3.70 2.06
N LEU A 18 3.37 -2.80 1.25
CA LEU A 18 3.12 -2.86 -0.19
C LEU A 18 3.89 -4.01 -0.78
N ALA A 19 5.12 -4.20 -0.30
CA ALA A 19 5.93 -5.29 -0.80
C ALA A 19 5.24 -6.62 -0.51
N HIS A 20 4.46 -6.64 0.56
CA HIS A 20 3.71 -7.83 0.96
C HIS A 20 2.32 -7.82 0.35
N PHE A 21 1.77 -6.63 0.14
CA PHE A 21 0.44 -6.47 -0.45
C PHE A 21 0.44 -6.99 -1.88
N GLY A 22 1.27 -6.37 -2.71
CA GLY A 22 1.35 -6.73 -4.12
C GLY A 22 1.66 -8.18 -4.36
N GLN A 23 2.19 -8.85 -3.34
CA GLN A 23 2.52 -10.26 -3.45
C GLN A 23 1.25 -11.08 -3.59
N SER A 24 0.39 -11.00 -2.58
CA SER A 24 -0.86 -11.70 -2.59
C SER A 24 -1.87 -10.96 -3.45
N ALA A 25 -1.55 -9.69 -3.67
CA ALA A 25 -2.43 -8.81 -4.43
C ALA A 25 -2.07 -8.70 -5.89
N HIS A 26 -0.88 -9.17 -6.25
CA HIS A 26 -0.42 -9.05 -7.62
C HIS A 26 -0.37 -7.58 -7.99
N ILE A 27 -0.26 -6.74 -6.98
CA ILE A 27 -0.20 -5.30 -7.19
C ILE A 27 1.24 -4.85 -7.27
N LEU A 28 1.44 -3.71 -7.88
CA LEU A 28 2.73 -3.20 -8.11
C LEU A 28 2.81 -1.83 -7.51
N LEU A 29 3.90 -1.59 -6.82
CA LEU A 29 4.01 -0.37 -6.09
C LEU A 29 5.30 0.40 -6.38
N SER A 30 5.17 1.65 -6.89
CA SER A 30 6.34 2.48 -7.20
C SER A 30 6.54 3.52 -6.11
N TYR A 31 7.47 3.22 -5.21
CA TYR A 31 7.77 4.10 -4.09
C TYR A 31 9.27 4.08 -3.82
N PRO A 32 9.83 5.22 -3.39
CA PRO A 32 11.24 5.31 -3.09
C PRO A 32 11.51 4.67 -1.75
N THR A 33 12.76 4.46 -1.40
CA THR A 33 13.02 3.91 -0.11
C THR A 33 12.93 5.07 0.80
N ALA A 34 13.40 6.19 0.24
CA ALA A 34 13.40 7.45 0.94
C ALA A 34 12.10 7.62 1.70
N LEU A 35 11.00 7.47 0.99
CA LEU A 35 9.70 7.58 1.61
C LEU A 35 9.52 6.50 2.66
N THR A 36 9.62 5.25 2.22
CA THR A 36 9.44 4.10 3.07
C THR A 36 10.28 4.14 4.34
N GLU A 37 11.48 4.73 4.27
CA GLU A 37 12.32 4.84 5.44
C GLU A 37 11.79 5.90 6.39
N GLY A 38 10.52 5.77 6.66
CA GLY A 38 9.82 6.66 7.53
C GLY A 38 8.38 6.26 7.65
N ARG A 39 7.89 5.58 6.61
CA ARG A 39 6.51 5.13 6.60
C ARG A 39 6.25 3.82 7.31
N SER A 40 5.41 3.92 8.30
CA SER A 40 4.94 2.76 9.04
C SER A 40 3.46 2.83 8.95
N THR A 41 2.82 1.72 8.74
CA THR A 41 1.42 1.78 8.51
C THR A 41 0.64 0.60 8.96
N SER A 42 -0.63 0.88 9.01
CA SER A 42 -1.61 -0.09 9.28
C SER A 42 -1.45 -1.15 8.25
N GLY A 43 -2.03 -2.24 8.55
CA GLY A 43 -1.89 -3.39 7.73
C GLY A 43 -3.17 -3.76 7.05
N LEU A 44 -2.97 -4.52 6.01
CA LEU A 44 -4.01 -4.97 5.14
C LEU A 44 -4.15 -6.44 5.17
N ALA A 45 -5.35 -6.88 5.31
CA ALA A 45 -5.56 -8.29 5.33
C ALA A 45 -7.00 -8.66 5.07
N GLY A 46 -7.31 -8.82 3.80
CA GLY A 46 -8.66 -9.18 3.39
C GLY A 46 -8.77 -9.41 1.91
N ARG A 47 -9.87 -9.99 1.45
CA ARG A 47 -10.06 -10.17 0.02
C ARG A 47 -10.77 -8.95 -0.55
N PHE A 48 -9.99 -8.03 -1.14
CA PHE A 48 -10.56 -6.77 -1.67
C PHE A 48 -9.85 -6.28 -2.91
N ASP A 49 -10.18 -5.04 -3.28
CA ASP A 49 -9.58 -4.40 -4.45
C ASP A 49 -8.31 -3.64 -4.09
N ILE A 50 -7.48 -3.40 -5.12
CA ILE A 50 -6.27 -2.64 -4.96
C ILE A 50 -6.61 -1.43 -4.12
N ASP A 51 -7.65 -0.79 -4.56
CA ASP A 51 -8.22 0.38 -3.96
C ASP A 51 -8.43 0.21 -2.47
N GLN A 52 -9.31 -0.71 -2.15
CA GLN A 52 -9.66 -0.97 -0.76
C GLN A 52 -8.45 -1.43 0.01
N GLY A 53 -7.87 -2.55 -0.42
CA GLY A 53 -6.69 -3.06 0.23
C GLY A 53 -5.68 -1.95 0.44
N LEU A 54 -5.25 -1.36 -0.67
CA LEU A 54 -4.32 -0.27 -0.64
C LEU A 54 -4.77 0.72 0.40
N ALA A 55 -6.01 1.15 0.28
CA ALA A 55 -6.57 2.11 1.22
C ALA A 55 -6.55 1.59 2.65
N ILE A 56 -6.64 0.28 2.83
CA ILE A 56 -6.59 -0.30 4.18
C ILE A 56 -5.19 -0.20 4.69
N LEU A 57 -4.33 -0.87 3.97
CA LEU A 57 -2.91 -0.88 4.25
C LEU A 57 -2.45 0.55 4.43
N LEU A 58 -3.01 1.42 3.59
CA LEU A 58 -2.73 2.81 3.58
C LEU A 58 -3.65 3.61 4.46
N ALA A 59 -4.47 2.91 5.24
CA ALA A 59 -5.37 3.59 6.15
C ALA A 59 -4.62 4.78 6.69
N GLY A 60 -5.35 5.85 6.94
CA GLY A 60 -4.80 7.14 7.33
C GLY A 60 -3.37 7.19 7.89
N THR A 61 -2.42 6.49 7.27
CA THR A 61 -1.07 6.47 7.78
C THR A 61 -0.19 7.43 7.03
N GLY A 62 -0.31 8.64 7.44
CA GLY A 62 0.50 9.75 6.94
C GLY A 62 0.74 9.71 5.43
N LEU A 63 0.19 8.69 4.77
CA LEU A 63 0.45 8.47 3.37
C LEU A 63 -0.78 8.55 2.49
N GLU A 64 -0.54 8.40 1.20
CA GLU A 64 -1.57 8.41 0.18
C GLU A 64 -1.01 7.91 -1.13
N ALA A 65 -1.69 6.95 -1.73
CA ALA A 65 -1.21 6.35 -2.97
C ALA A 65 -1.95 6.82 -4.20
N SER A 66 -1.18 7.23 -5.19
CA SER A 66 -1.70 7.68 -6.47
C SER A 66 -1.77 6.49 -7.43
N ARG A 67 -2.97 5.92 -7.56
CA ARG A 67 -3.18 4.76 -8.42
C ARG A 67 -2.86 5.02 -9.88
N GLY A 68 -2.75 3.93 -10.63
CA GLY A 68 -2.46 4.00 -12.05
C GLY A 68 -3.40 3.12 -12.87
N ALA A 69 -3.06 2.91 -14.14
CA ALA A 69 -3.88 2.08 -15.02
C ALA A 69 -3.07 0.92 -15.56
N ASN A 70 -1.99 0.61 -14.88
CA ASN A 70 -1.09 -0.45 -15.27
C ASN A 70 -0.81 -1.39 -14.11
N ALA A 71 -1.52 -1.16 -13.02
CA ALA A 71 -1.38 -1.94 -11.78
C ALA A 71 -0.18 -1.44 -11.01
N SER A 72 0.50 -0.45 -11.56
CA SER A 72 1.66 0.14 -10.92
C SER A 72 1.29 1.47 -10.28
N TYR A 73 1.18 1.43 -8.96
CA TYR A 73 0.83 2.58 -8.16
C TYR A 73 2.08 3.39 -7.82
N SER A 74 1.85 4.51 -7.18
CA SER A 74 2.91 5.34 -6.70
C SER A 74 2.43 6.06 -5.45
N LEU A 75 3.28 6.15 -4.43
CA LEU A 75 2.86 6.74 -3.17
C LEU A 75 3.07 8.25 -3.08
N GLN A 76 2.34 8.79 -2.13
CA GLN A 76 2.34 10.21 -1.80
C GLN A 76 2.26 10.31 -0.28
N ALA A 77 2.91 11.30 0.29
CA ALA A 77 3.01 11.41 1.74
C ALA A 77 2.66 12.77 2.31
N SER A 78 1.47 12.88 2.86
CA SER A 78 1.06 14.09 3.55
C SER A 78 1.20 13.83 5.04
N ALA A 79 2.32 14.28 5.62
CA ALA A 79 2.58 14.04 7.05
C ALA A 79 2.72 12.53 7.29
N SER A 80 3.70 11.93 6.61
CA SER A 80 3.96 10.49 6.68
C SER A 80 3.67 9.88 8.04
N THR A 81 3.21 8.61 8.01
CA THR A 81 2.87 7.85 9.20
C THR A 81 2.18 8.70 10.26
N GLY A 82 1.51 9.75 9.78
CA GLY A 82 0.77 10.64 10.65
C GLY A 82 1.69 11.59 11.40
N GLY A 1 -4.30 -0.62 -12.34
CA GLY A 1 -5.18 -0.90 -11.17
C GLY A 1 -6.18 -2.01 -11.45
N SER A 2 -7.36 -1.91 -10.82
CA SER A 2 -8.40 -2.90 -10.99
C SER A 2 -7.85 -4.31 -10.76
N ALA A 3 -7.00 -4.43 -9.76
CA ALA A 3 -6.38 -5.69 -9.41
C ALA A 3 -6.72 -6.03 -7.98
N GLN A 4 -7.68 -6.93 -7.79
CA GLN A 4 -8.10 -7.30 -6.46
C GLN A 4 -7.44 -8.61 -6.04
N ALA A 5 -7.47 -8.87 -4.74
CA ALA A 5 -6.86 -10.07 -4.20
C ALA A 5 -7.18 -10.27 -2.71
N ASP A 6 -6.43 -11.20 -2.10
CA ASP A 6 -6.55 -11.50 -0.69
C ASP A 6 -5.32 -10.93 -0.01
N PHE A 7 -5.52 -9.97 0.88
CA PHE A 7 -4.42 -9.29 1.53
C PHE A 7 -4.17 -9.83 2.91
N ASP A 8 -2.95 -9.60 3.40
CA ASP A 8 -2.52 -10.12 4.69
C ASP A 8 -1.33 -9.32 5.23
N ILE A 9 -1.62 -8.26 5.96
CA ILE A 9 -0.60 -7.42 6.55
C ILE A 9 -0.99 -7.01 7.96
N PRO A 10 -0.36 -7.62 8.98
CA PRO A 10 -0.58 -7.23 10.37
C PRO A 10 -0.08 -5.83 10.50
N ALA A 11 0.03 -5.34 11.69
CA ALA A 11 0.53 -3.99 11.81
C ALA A 11 1.95 -3.92 11.25
N GLY A 12 2.06 -3.51 9.98
CA GLY A 12 3.35 -3.52 9.30
C GLY A 12 3.89 -2.16 8.92
N PRO A 13 5.10 -2.14 8.34
CA PRO A 13 5.71 -0.94 7.78
C PRO A 13 5.14 -0.72 6.39
N LEU A 14 5.14 0.50 5.89
CA LEU A 14 4.57 0.76 4.58
C LEU A 14 5.23 -0.07 3.47
N ALA A 15 6.47 0.27 3.12
CA ALA A 15 7.17 -0.44 2.05
C ALA A 15 6.96 -1.95 2.18
N PRO A 16 7.32 -2.53 3.34
CA PRO A 16 7.16 -3.96 3.56
C PRO A 16 5.70 -4.39 3.52
N ALA A 17 4.78 -3.49 3.90
CA ALA A 17 3.36 -3.84 3.86
C ALA A 17 2.95 -3.92 2.41
N LEU A 18 3.54 -3.01 1.65
CA LEU A 18 3.32 -2.94 0.22
C LEU A 18 4.11 -4.05 -0.44
N ALA A 19 5.15 -4.51 0.25
CA ALA A 19 5.96 -5.60 -0.25
C ALA A 19 5.20 -6.90 -0.05
N HIS A 20 4.37 -6.91 0.99
CA HIS A 20 3.55 -8.06 1.32
C HIS A 20 2.19 -7.93 0.66
N PHE A 21 1.75 -6.70 0.45
CA PHE A 21 0.45 -6.45 -0.18
C PHE A 21 0.49 -6.82 -1.64
N GLY A 22 1.34 -6.12 -2.36
CA GLY A 22 1.43 -6.32 -3.79
C GLY A 22 1.80 -7.73 -4.18
N GLN A 23 2.26 -8.52 -3.22
CA GLN A 23 2.62 -9.90 -3.46
C GLN A 23 1.37 -10.74 -3.63
N SER A 24 0.53 -10.74 -2.60
CA SER A 24 -0.72 -11.45 -2.62
C SER A 24 -1.72 -10.68 -3.46
N ALA A 25 -1.43 -9.40 -3.63
CA ALA A 25 -2.29 -8.49 -4.36
C ALA A 25 -1.85 -8.29 -5.80
N HIS A 26 -0.65 -8.76 -6.11
CA HIS A 26 -0.10 -8.57 -7.44
C HIS A 26 -0.02 -7.07 -7.72
N ILE A 27 0.10 -6.29 -6.65
CA ILE A 27 0.15 -4.83 -6.79
C ILE A 27 1.58 -4.34 -6.85
N LEU A 28 1.70 -3.20 -7.49
CA LEU A 28 2.96 -2.58 -7.80
C LEU A 28 2.91 -1.14 -7.40
N LEU A 29 3.77 -0.77 -6.48
CA LEU A 29 3.72 0.56 -5.96
C LEU A 29 5.05 1.29 -6.16
N SER A 30 5.01 2.41 -6.90
CA SER A 30 6.20 3.19 -7.18
C SER A 30 6.43 4.21 -6.07
N TYR A 31 7.58 4.10 -5.41
CA TYR A 31 7.92 4.98 -4.30
C TYR A 31 9.43 4.98 -4.05
N PRO A 32 9.95 6.08 -3.50
CA PRO A 32 11.36 6.21 -3.18
C PRO A 32 11.70 5.34 -1.99
N THR A 33 12.98 5.19 -1.66
CA THR A 33 13.33 4.40 -0.52
C THR A 33 13.14 5.30 0.65
N ALA A 34 13.16 6.58 0.34
CA ALA A 34 12.96 7.59 1.32
C ALA A 34 11.59 7.40 1.93
N LEU A 35 10.63 7.16 1.03
CA LEU A 35 9.27 6.92 1.44
C LEU A 35 9.14 5.53 2.05
N THR A 36 9.72 4.53 1.38
CA THR A 36 9.67 3.18 1.88
C THR A 36 10.01 3.18 3.36
N GLU A 37 11.17 3.75 3.68
CA GLU A 37 11.60 3.89 5.04
C GLU A 37 11.05 5.18 5.61
N GLY A 38 9.78 5.41 5.35
CA GLY A 38 9.14 6.61 5.79
C GLY A 38 7.83 6.35 6.50
N ARG A 39 7.18 5.26 6.14
CA ARG A 39 5.88 4.98 6.75
C ARG A 39 5.66 3.53 7.10
N SER A 40 4.58 3.35 7.84
CA SER A 40 4.14 2.04 8.27
C SER A 40 2.64 1.98 8.12
N THR A 41 2.13 0.79 8.00
CA THR A 41 0.74 0.58 7.86
C THR A 41 0.41 -0.50 8.81
N SER A 42 -0.39 -0.23 9.80
CA SER A 42 -0.62 -1.29 10.69
C SER A 42 -1.98 -1.86 10.48
N GLY A 43 -2.17 -2.41 9.29
CA GLY A 43 -3.36 -3.15 9.09
C GLY A 43 -3.76 -3.37 7.64
N LEU A 44 -3.78 -4.60 7.18
CA LEU A 44 -4.30 -4.87 5.85
C LEU A 44 -4.32 -6.33 5.56
N ALA A 45 -5.49 -6.93 5.61
CA ALA A 45 -5.57 -8.34 5.35
C ALA A 45 -6.98 -8.79 5.02
N GLY A 46 -7.30 -8.82 3.75
CA GLY A 46 -8.62 -9.23 3.33
C GLY A 46 -8.74 -9.38 1.83
N ARG A 47 -9.80 -10.04 1.37
CA ARG A 47 -10.01 -10.20 -0.06
C ARG A 47 -10.75 -8.98 -0.60
N PHE A 48 -9.99 -8.05 -1.20
CA PHE A 48 -10.58 -6.80 -1.71
C PHE A 48 -9.84 -6.29 -2.93
N ASP A 49 -10.09 -5.03 -3.27
CA ASP A 49 -9.47 -4.38 -4.42
C ASP A 49 -8.21 -3.62 -4.03
N ILE A 50 -7.35 -3.38 -5.01
CA ILE A 50 -6.16 -2.62 -4.87
C ILE A 50 -6.48 -1.41 -4.03
N ASP A 51 -7.54 -0.79 -4.46
CA ASP A 51 -8.09 0.39 -3.84
C ASP A 51 -8.29 0.22 -2.35
N GLN A 52 -9.12 -0.74 -2.01
CA GLN A 52 -9.44 -1.01 -0.61
C GLN A 52 -8.21 -1.46 0.15
N GLY A 53 -7.58 -2.53 -0.32
CA GLY A 53 -6.38 -3.00 0.35
C GLY A 53 -5.37 -1.89 0.53
N LEU A 54 -5.00 -1.28 -0.59
CA LEU A 54 -4.08 -0.19 -0.58
C LEU A 54 -4.55 0.85 0.38
N ALA A 55 -5.82 1.22 0.27
CA ALA A 55 -6.41 2.23 1.15
C ALA A 55 -6.49 1.73 2.60
N ILE A 56 -6.52 0.42 2.79
CA ILE A 56 -6.59 -0.11 4.14
C ILE A 56 -5.23 -0.02 4.74
N LEU A 57 -4.34 -0.68 4.08
CA LEU A 57 -2.95 -0.66 4.44
C LEU A 57 -2.56 0.80 4.63
N LEU A 58 -2.88 1.59 3.62
CA LEU A 58 -2.61 3.00 3.61
C LEU A 58 -3.55 3.76 4.51
N ALA A 59 -4.36 3.05 5.28
CA ALA A 59 -5.25 3.71 6.20
C ALA A 59 -4.49 4.88 6.77
N GLY A 60 -5.21 5.91 7.17
CA GLY A 60 -4.66 7.18 7.60
C GLY A 60 -3.20 7.25 8.06
N THR A 61 -2.26 6.59 7.36
CA THR A 61 -0.87 6.66 7.77
C THR A 61 -0.13 7.62 6.91
N GLY A 62 -0.30 8.86 7.26
CA GLY A 62 0.38 9.97 6.60
C GLY A 62 0.48 9.77 5.10
N LEU A 63 -0.20 8.76 4.57
CA LEU A 63 -0.05 8.41 3.19
C LEU A 63 -1.25 8.58 2.29
N GLU A 64 -0.95 8.31 1.03
CA GLU A 64 -1.88 8.37 -0.06
C GLU A 64 -1.22 7.77 -1.28
N ALA A 65 -1.90 6.88 -1.97
CA ALA A 65 -1.30 6.23 -3.13
C ALA A 65 -2.02 6.60 -4.42
N SER A 66 -1.23 7.02 -5.39
CA SER A 66 -1.76 7.41 -6.70
C SER A 66 -2.01 6.17 -7.57
N ARG A 67 -2.92 6.30 -8.53
CA ARG A 67 -3.27 5.19 -9.42
C ARG A 67 -2.56 5.25 -10.77
N GLY A 68 -2.37 4.06 -11.36
CA GLY A 68 -1.73 3.94 -12.65
C GLY A 68 -2.63 3.26 -13.66
N ALA A 69 -2.07 2.86 -14.81
CA ALA A 69 -2.86 2.21 -15.85
C ALA A 69 -2.29 0.84 -16.16
N ASN A 70 -1.51 0.31 -15.24
CA ASN A 70 -0.87 -0.98 -15.43
C ASN A 70 -0.64 -1.71 -14.12
N ALA A 71 -1.64 -1.65 -13.25
CA ALA A 71 -1.58 -2.28 -11.93
C ALA A 71 -0.49 -1.64 -11.09
N SER A 72 0.21 -0.67 -11.65
CA SER A 72 1.27 0.01 -10.95
C SER A 72 0.81 1.36 -10.43
N TYR A 73 0.63 1.37 -9.14
CA TYR A 73 0.20 2.56 -8.42
C TYR A 73 1.42 3.24 -7.85
N SER A 74 1.34 4.53 -7.64
CA SER A 74 2.45 5.26 -7.05
C SER A 74 2.03 5.74 -5.68
N LEU A 75 2.98 6.20 -4.88
CA LEU A 75 2.64 6.66 -3.56
C LEU A 75 2.71 8.17 -3.40
N GLN A 76 2.10 8.59 -2.30
CA GLN A 76 2.04 9.99 -1.91
C GLN A 76 2.00 10.00 -0.39
N ALA A 77 2.79 10.88 0.17
CA ALA A 77 2.93 10.94 1.61
C ALA A 77 2.83 12.33 2.21
N SER A 78 1.64 12.72 2.62
CA SER A 78 1.50 14.00 3.30
C SER A 78 2.01 13.78 4.71
N ALA A 79 3.27 14.11 4.95
CA ALA A 79 3.88 13.87 6.25
C ALA A 79 3.85 12.38 6.57
N SER A 80 4.84 11.64 6.05
CA SER A 80 4.93 10.18 6.24
C SER A 80 4.46 9.75 7.63
N THR A 81 3.76 8.60 7.69
CA THR A 81 3.23 8.06 8.94
C THR A 81 2.62 9.14 9.81
N GLY A 82 2.09 10.17 9.16
CA GLY A 82 1.47 11.27 9.86
C GLY A 82 0.34 10.82 10.77
N GLY A 1 -15.04 -10.45 -10.67
CA GLY A 1 -13.62 -10.87 -10.79
C GLY A 1 -12.76 -9.80 -11.44
N SER A 2 -12.74 -8.62 -10.84
CA SER A 2 -11.95 -7.51 -11.36
C SER A 2 -10.57 -7.55 -10.72
N ALA A 3 -9.79 -6.50 -10.93
CA ALA A 3 -8.47 -6.46 -10.33
C ALA A 3 -8.60 -6.46 -8.82
N GLN A 4 -8.50 -7.65 -8.23
CA GLN A 4 -8.64 -7.79 -6.79
C GLN A 4 -7.73 -8.89 -6.28
N ALA A 5 -7.73 -9.08 -4.97
CA ALA A 5 -6.90 -10.09 -4.34
C ALA A 5 -7.20 -10.23 -2.85
N ASP A 6 -6.37 -11.03 -2.19
CA ASP A 6 -6.47 -11.28 -0.76
C ASP A 6 -5.28 -10.62 -0.09
N PHE A 7 -5.51 -9.90 1.00
CA PHE A 7 -4.42 -9.19 1.65
C PHE A 7 -4.21 -9.69 3.05
N ASP A 8 -3.00 -9.44 3.58
CA ASP A 8 -2.61 -9.90 4.90
C ASP A 8 -1.42 -9.11 5.42
N ILE A 9 -1.69 -8.01 6.11
CA ILE A 9 -0.65 -7.17 6.65
C ILE A 9 -0.98 -6.65 8.04
N PRO A 10 -0.23 -7.13 9.06
CA PRO A 10 -0.35 -6.65 10.43
C PRO A 10 0.30 -5.30 10.47
N ALA A 11 0.73 -4.87 11.61
CA ALA A 11 1.39 -3.58 11.62
C ALA A 11 2.73 -3.67 10.92
N GLY A 12 2.68 -3.40 9.62
CA GLY A 12 3.86 -3.51 8.79
C GLY A 12 4.33 -2.20 8.19
N PRO A 13 5.64 -1.89 8.17
CA PRO A 13 6.15 -0.72 7.49
C PRO A 13 5.47 -0.61 6.13
N LEU A 14 5.33 0.59 5.61
CA LEU A 14 4.67 0.78 4.34
C LEU A 14 5.30 -0.06 3.22
N ALA A 15 6.52 0.27 2.81
CA ALA A 15 7.18 -0.45 1.72
C ALA A 15 7.00 -1.96 1.91
N PRO A 16 7.44 -2.50 3.06
CA PRO A 16 7.30 -3.93 3.34
C PRO A 16 5.84 -4.37 3.38
N ALA A 17 4.92 -3.46 3.75
CA ALA A 17 3.51 -3.83 3.77
C ALA A 17 3.08 -3.97 2.32
N LEU A 18 3.65 -3.09 1.52
CA LEU A 18 3.40 -3.07 0.09
C LEU A 18 4.20 -4.16 -0.57
N ALA A 19 5.26 -4.60 0.11
CA ALA A 19 6.08 -5.69 -0.41
C ALA A 19 5.35 -7.00 -0.17
N HIS A 20 4.59 -7.01 0.93
CA HIS A 20 3.81 -8.17 1.33
C HIS A 20 2.39 -8.07 0.76
N PHE A 21 1.96 -6.84 0.46
CA PHE A 21 0.63 -6.61 -0.09
C PHE A 21 0.59 -7.03 -1.56
N GLY A 22 1.41 -6.35 -2.34
CA GLY A 22 1.47 -6.61 -3.77
C GLY A 22 1.77 -8.05 -4.11
N GLN A 23 2.25 -8.80 -3.11
CA GLN A 23 2.55 -10.21 -3.29
C GLN A 23 1.26 -11.00 -3.49
N SER A 24 0.41 -10.96 -2.48
CA SER A 24 -0.87 -11.65 -2.54
C SER A 24 -1.86 -10.80 -3.32
N ALA A 25 -1.47 -9.55 -3.53
CA ALA A 25 -2.32 -8.61 -4.23
C ALA A 25 -1.92 -8.43 -5.68
N HIS A 26 -0.75 -8.91 -6.03
CA HIS A 26 -0.25 -8.75 -7.38
C HIS A 26 -0.19 -7.27 -7.70
N ILE A 27 -0.07 -6.46 -6.65
CA ILE A 27 -0.01 -5.01 -6.83
C ILE A 27 1.41 -4.51 -6.89
N LEU A 28 1.52 -3.34 -7.50
CA LEU A 28 2.77 -2.71 -7.79
C LEU A 28 2.69 -1.29 -7.36
N LEU A 29 3.55 -0.91 -6.46
CA LEU A 29 3.49 0.41 -5.92
C LEU A 29 4.80 1.16 -6.07
N SER A 30 4.75 2.34 -6.71
CA SER A 30 5.96 3.15 -6.91
C SER A 30 6.20 4.05 -5.71
N TYR A 31 7.38 3.90 -5.10
CA TYR A 31 7.75 4.67 -3.93
C TYR A 31 9.25 4.67 -3.72
N PRO A 32 9.81 5.80 -3.25
CA PRO A 32 11.23 5.92 -2.97
C PRO A 32 11.55 5.26 -1.66
N THR A 33 12.82 5.00 -1.37
CA THR A 33 13.15 4.43 -0.10
C THR A 33 13.16 5.57 0.85
N ALA A 34 13.35 6.75 0.26
CA ALA A 34 13.38 7.97 1.00
C ALA A 34 12.09 8.10 1.78
N LEU A 35 10.99 7.77 1.10
CA LEU A 35 9.69 7.82 1.71
C LEU A 35 9.49 6.63 2.63
N THR A 36 9.44 5.45 2.04
CA THR A 36 9.20 4.21 2.77
C THR A 36 10.04 4.11 4.04
N GLU A 37 11.25 4.67 4.04
CA GLU A 37 12.08 4.65 5.22
C GLU A 37 11.56 5.62 6.26
N GLY A 38 10.27 5.51 6.48
CA GLY A 38 9.56 6.35 7.42
C GLY A 38 8.09 5.99 7.41
N ARG A 39 7.65 5.45 6.27
CA ARG A 39 6.27 5.04 6.11
C ARG A 39 6.00 3.66 6.68
N SER A 40 4.93 3.56 7.43
CA SER A 40 4.51 2.29 8.01
C SER A 40 3.01 2.18 7.90
N THR A 41 2.51 0.97 8.03
CA THR A 41 1.10 0.76 7.96
C THR A 41 0.76 -0.31 8.93
N SER A 42 -0.28 -0.13 9.68
CA SER A 42 -0.58 -1.18 10.57
C SER A 42 -1.97 -1.67 10.32
N GLY A 43 -2.15 -2.26 9.15
CA GLY A 43 -3.39 -2.90 8.91
C GLY A 43 -3.76 -3.15 7.48
N LEU A 44 -3.83 -4.40 7.07
CA LEU A 44 -4.33 -4.69 5.74
C LEU A 44 -4.39 -6.17 5.51
N ALA A 45 -5.57 -6.72 5.57
CA ALA A 45 -5.69 -8.15 5.38
C ALA A 45 -7.11 -8.57 5.02
N GLY A 46 -7.37 -8.66 3.73
CA GLY A 46 -8.69 -9.04 3.27
C GLY A 46 -8.76 -9.29 1.77
N ARG A 47 -9.86 -9.88 1.30
CA ARG A 47 -10.01 -10.10 -0.13
C ARG A 47 -10.74 -8.92 -0.76
N PHE A 48 -9.98 -8.00 -1.38
CA PHE A 48 -10.58 -6.79 -1.99
C PHE A 48 -9.77 -6.29 -3.17
N ASP A 49 -10.00 -5.03 -3.51
CA ASP A 49 -9.32 -4.39 -4.64
C ASP A 49 -8.11 -3.58 -4.19
N ILE A 50 -7.22 -3.31 -5.17
CA ILE A 50 -6.06 -2.49 -4.97
C ILE A 50 -6.46 -1.32 -4.12
N ASP A 51 -7.53 -0.73 -4.56
CA ASP A 51 -8.14 0.41 -3.95
C ASP A 51 -8.32 0.20 -2.47
N GLN A 52 -9.13 -0.80 -2.14
CA GLN A 52 -9.43 -1.09 -0.75
C GLN A 52 -8.18 -1.48 0.00
N GLY A 53 -7.53 -2.55 -0.45
CA GLY A 53 -6.32 -3.00 0.21
C GLY A 53 -5.34 -1.86 0.39
N LEU A 54 -4.95 -1.27 -0.74
CA LEU A 54 -4.04 -0.15 -0.73
C LEU A 54 -4.55 0.89 0.22
N ALA A 55 -5.80 1.29 0.05
CA ALA A 55 -6.39 2.31 0.92
C ALA A 55 -6.49 1.83 2.37
N ILE A 56 -6.50 0.51 2.58
CA ILE A 56 -6.58 -0.02 3.94
C ILE A 56 -5.22 0.09 4.56
N LEU A 57 -4.33 -0.58 3.91
CA LEU A 57 -2.93 -0.56 4.28
C LEU A 57 -2.50 0.88 4.45
N LEU A 58 -2.94 1.68 3.49
CA LEU A 58 -2.67 3.08 3.46
C LEU A 58 -3.60 3.87 4.34
N ALA A 59 -4.46 3.17 5.08
CA ALA A 59 -5.35 3.85 5.99
C ALA A 59 -4.55 4.97 6.57
N GLY A 60 -5.22 6.06 6.86
CA GLY A 60 -4.59 7.30 7.29
C GLY A 60 -3.16 7.26 7.85
N THR A 61 -2.24 6.51 7.23
CA THR A 61 -0.89 6.45 7.74
C THR A 61 0.01 7.34 6.94
N GLY A 62 -0.07 8.57 7.32
CA GLY A 62 0.76 9.63 6.76
C GLY A 62 0.95 9.52 5.25
N LEU A 63 0.32 8.52 4.63
CA LEU A 63 0.52 8.25 3.22
C LEU A 63 -0.73 8.38 2.38
N GLU A 64 -0.49 8.18 1.09
CA GLU A 64 -1.49 8.24 0.06
C GLU A 64 -0.92 7.61 -1.18
N ALA A 65 -1.74 6.95 -1.95
CA ALA A 65 -1.22 6.29 -3.15
C ALA A 65 -1.88 6.80 -4.41
N SER A 66 -1.04 7.28 -5.30
CA SER A 66 -1.49 7.82 -6.58
C SER A 66 -1.55 6.71 -7.64
N ARG A 67 -2.61 6.71 -8.44
CA ARG A 67 -2.79 5.71 -9.49
C ARG A 67 -1.66 5.71 -10.51
N GLY A 68 -1.72 4.68 -11.34
CA GLY A 68 -0.74 4.50 -12.40
C GLY A 68 -1.39 4.27 -13.75
N ALA A 69 -0.82 3.38 -14.56
CA ALA A 69 -1.37 3.09 -15.87
C ALA A 69 -1.73 1.63 -16.02
N ASN A 70 -1.41 0.85 -14.99
CA ASN A 70 -1.69 -0.59 -14.99
C ASN A 70 -1.15 -1.29 -13.74
N ALA A 71 -2.08 -1.70 -12.89
CA ALA A 71 -1.77 -2.40 -11.63
C ALA A 71 -0.57 -1.84 -10.89
N SER A 72 -0.12 -0.65 -11.27
CA SER A 72 1.04 -0.05 -10.61
C SER A 72 0.74 1.36 -10.14
N TYR A 73 0.45 1.48 -8.85
CA TYR A 73 0.13 2.74 -8.24
C TYR A 73 1.33 3.33 -7.54
N SER A 74 1.51 4.61 -7.65
CA SER A 74 2.61 5.29 -7.00
C SER A 74 2.17 5.76 -5.62
N LEU A 75 3.11 6.22 -4.82
CA LEU A 75 2.79 6.66 -3.48
C LEU A 75 2.84 8.17 -3.30
N GLN A 76 2.34 8.56 -2.15
CA GLN A 76 2.23 9.94 -1.70
C GLN A 76 2.30 9.97 -0.19
N ALA A 77 2.89 11.01 0.38
CA ALA A 77 3.05 11.08 1.81
C ALA A 77 2.60 12.38 2.44
N SER A 78 1.38 12.36 2.96
CA SER A 78 0.85 13.52 3.67
C SER A 78 1.03 13.28 5.17
N ALA A 79 2.10 13.85 5.73
CA ALA A 79 2.41 13.65 7.14
C ALA A 79 2.75 12.19 7.41
N SER A 80 3.71 11.67 6.64
CA SER A 80 4.16 10.27 6.70
C SER A 80 3.85 9.57 8.03
N THR A 81 3.41 8.31 7.91
CA THR A 81 3.06 7.47 9.05
C THR A 81 2.35 8.29 10.13
N GLY A 82 1.52 9.21 9.67
CA GLY A 82 0.76 10.07 10.54
C GLY A 82 -0.19 9.30 11.45
N GLY A 1 -3.22 0.38 -10.33
CA GLY A 1 -4.34 0.37 -9.34
C GLY A 1 -5.59 -0.30 -9.88
N SER A 2 -5.56 -1.62 -9.95
CA SER A 2 -6.69 -2.40 -10.44
C SER A 2 -6.42 -3.89 -10.29
N ALA A 3 -5.84 -4.24 -9.15
CA ALA A 3 -5.51 -5.62 -8.86
C ALA A 3 -6.12 -6.01 -7.51
N GLN A 4 -7.16 -6.82 -7.56
CA GLN A 4 -7.83 -7.23 -6.35
C GLN A 4 -7.36 -8.60 -5.91
N ALA A 5 -7.38 -8.85 -4.60
CA ALA A 5 -6.92 -10.12 -4.06
C ALA A 5 -7.25 -10.28 -2.58
N ASP A 6 -6.60 -11.27 -1.98
CA ASP A 6 -6.72 -11.54 -0.55
C ASP A 6 -5.45 -11.03 0.11
N PHE A 7 -5.60 -10.03 0.97
CA PHE A 7 -4.44 -9.40 1.60
C PHE A 7 -4.20 -9.92 2.99
N ASP A 8 -2.96 -9.71 3.46
CA ASP A 8 -2.53 -10.19 4.75
C ASP A 8 -1.31 -9.39 5.25
N ILE A 9 -1.58 -8.30 5.94
CA ILE A 9 -0.55 -7.45 6.49
C ILE A 9 -0.90 -7.03 7.90
N PRO A 10 -0.21 -7.59 8.92
CA PRO A 10 -0.38 -7.17 10.29
C PRO A 10 0.10 -5.76 10.36
N ALA A 11 0.35 -5.25 11.52
CA ALA A 11 0.85 -3.90 11.55
C ALA A 11 2.20 -3.86 10.83
N GLY A 12 2.16 -3.51 9.54
CA GLY A 12 3.37 -3.58 8.72
C GLY A 12 3.89 -2.27 8.15
N PRO A 13 5.19 -1.95 8.29
CA PRO A 13 5.76 -0.80 7.64
C PRO A 13 5.17 -0.68 6.24
N LEU A 14 5.13 0.51 5.70
CA LEU A 14 4.55 0.70 4.37
C LEU A 14 5.24 -0.16 3.30
N ALA A 15 6.50 0.17 2.99
CA ALA A 15 7.24 -0.54 1.93
C ALA A 15 6.93 -2.02 1.90
N PRO A 16 7.17 -2.71 3.02
CA PRO A 16 6.98 -4.14 3.07
C PRO A 16 5.54 -4.53 3.24
N ALA A 17 4.71 -3.61 3.71
CA ALA A 17 3.28 -3.91 3.79
C ALA A 17 2.81 -3.96 2.36
N LEU A 18 3.49 -3.13 1.56
CA LEU A 18 3.24 -3.03 0.15
C LEU A 18 3.97 -4.16 -0.56
N ALA A 19 5.12 -4.55 -0.02
CA ALA A 19 5.86 -5.67 -0.59
C ALA A 19 5.07 -6.94 -0.34
N HIS A 20 4.25 -6.89 0.72
CA HIS A 20 3.41 -8.00 1.10
C HIS A 20 2.05 -7.88 0.43
N PHE A 21 1.57 -6.65 0.33
CA PHE A 21 0.27 -6.40 -0.29
C PHE A 21 0.29 -6.81 -1.74
N GLY A 22 1.15 -6.15 -2.50
CA GLY A 22 1.24 -6.39 -3.92
C GLY A 22 1.58 -7.80 -4.30
N GLN A 23 2.09 -8.56 -3.34
CA GLN A 23 2.44 -9.96 -3.57
C GLN A 23 1.17 -10.78 -3.73
N SER A 24 0.35 -10.80 -2.68
CA SER A 24 -0.90 -11.51 -2.70
C SER A 24 -1.90 -10.75 -3.54
N ALA A 25 -1.63 -9.45 -3.66
CA ALA A 25 -2.50 -8.55 -4.39
C ALA A 25 -2.11 -8.38 -5.84
N HIS A 26 -0.92 -8.86 -6.18
CA HIS A 26 -0.44 -8.70 -7.53
C HIS A 26 -0.36 -7.22 -7.86
N ILE A 27 -0.25 -6.40 -6.81
CA ILE A 27 -0.18 -4.95 -6.99
C ILE A 27 1.27 -4.50 -7.07
N LEU A 28 1.44 -3.38 -7.73
CA LEU A 28 2.73 -2.83 -8.02
C LEU A 28 2.75 -1.40 -7.60
N LEU A 29 3.66 -1.09 -6.75
CA LEU A 29 3.71 0.21 -6.16
C LEU A 29 5.05 0.92 -6.40
N SER A 30 5.01 2.22 -6.68
CA SER A 30 6.24 2.98 -6.91
C SER A 30 6.46 4.00 -5.80
N TYR A 31 7.66 4.00 -5.26
CA TYR A 31 8.03 4.91 -4.18
C TYR A 31 9.55 5.03 -4.07
N PRO A 32 10.03 6.09 -3.41
CA PRO A 32 11.45 6.32 -3.23
C PRO A 32 11.99 5.43 -2.11
N THR A 33 13.31 5.41 -1.97
CA THR A 33 13.93 4.60 -0.94
C THR A 33 13.87 5.40 0.33
N ALA A 34 13.41 6.62 0.17
CA ALA A 34 13.31 7.55 1.26
C ALA A 34 12.00 7.43 2.01
N LEU A 35 10.90 7.63 1.28
CA LEU A 35 9.56 7.59 1.84
C LEU A 35 9.36 6.41 2.79
N THR A 36 9.36 5.21 2.22
CA THR A 36 9.11 4.02 3.00
C THR A 36 9.85 4.03 4.33
N GLU A 37 10.98 4.73 4.38
CA GLU A 37 11.74 4.83 5.60
C GLU A 37 11.11 5.84 6.53
N GLY A 38 9.82 5.65 6.73
CA GLY A 38 9.03 6.50 7.56
C GLY A 38 7.58 6.13 7.45
N ARG A 39 7.25 5.51 6.32
CA ARG A 39 5.88 5.10 6.08
C ARG A 39 5.60 3.70 6.66
N SER A 40 4.46 3.59 7.34
CA SER A 40 4.05 2.33 7.90
C SER A 40 2.57 2.17 7.78
N THR A 41 2.11 0.94 7.79
CA THR A 41 0.72 0.67 7.68
C THR A 41 0.45 -0.40 8.67
N SER A 42 -0.35 -0.15 9.66
CA SER A 42 -0.51 -1.22 10.57
C SER A 42 -1.86 -1.83 10.42
N GLY A 43 -2.09 -2.38 9.25
CA GLY A 43 -3.26 -3.16 9.08
C GLY A 43 -3.69 -3.40 7.66
N LEU A 44 -3.71 -4.64 7.22
CA LEU A 44 -4.27 -4.92 5.90
C LEU A 44 -4.29 -6.38 5.61
N ALA A 45 -5.45 -6.97 5.70
CA ALA A 45 -5.55 -8.39 5.44
C ALA A 45 -6.97 -8.82 5.15
N GLY A 46 -7.31 -8.84 3.87
CA GLY A 46 -8.65 -9.24 3.48
C GLY A 46 -8.81 -9.41 1.99
N ARG A 47 -9.88 -10.07 1.56
CA ARG A 47 -10.13 -10.24 0.14
C ARG A 47 -10.82 -9.01 -0.42
N PHE A 48 -10.04 -8.13 -1.04
CA PHE A 48 -10.57 -6.87 -1.59
C PHE A 48 -9.79 -6.44 -2.81
N ASP A 49 -9.89 -5.17 -3.16
CA ASP A 49 -9.19 -4.65 -4.32
C ASP A 49 -8.03 -3.74 -3.92
N ILE A 50 -7.18 -3.42 -4.91
CA ILE A 50 -6.09 -2.51 -4.74
C ILE A 50 -6.55 -1.42 -3.83
N ASP A 51 -7.69 -0.93 -4.21
CA ASP A 51 -8.41 0.12 -3.55
C ASP A 51 -8.52 -0.09 -2.05
N GLN A 52 -9.26 -1.11 -1.71
CA GLN A 52 -9.53 -1.40 -0.31
C GLN A 52 -8.25 -1.79 0.38
N GLY A 53 -7.60 -2.82 -0.13
CA GLY A 53 -6.37 -3.26 0.47
C GLY A 53 -5.46 -2.09 0.69
N LEU A 54 -5.20 -1.39 -0.39
CA LEU A 54 -4.38 -0.22 -0.32
C LEU A 54 -4.92 0.70 0.71
N ALA A 55 -6.05 1.29 0.42
CA ALA A 55 -6.63 2.23 1.36
C ALA A 55 -6.69 1.67 2.78
N ILE A 56 -6.64 0.34 2.95
CA ILE A 56 -6.65 -0.22 4.29
C ILE A 56 -5.25 -0.08 4.83
N LEU A 57 -4.38 -0.74 4.13
CA LEU A 57 -2.97 -0.68 4.43
C LEU A 57 -2.60 0.80 4.57
N LEU A 58 -2.83 1.54 3.50
CA LEU A 58 -2.58 2.94 3.44
C LEU A 58 -3.54 3.71 4.32
N ALA A 59 -4.36 3.02 5.11
CA ALA A 59 -5.27 3.72 5.99
C ALA A 59 -4.52 4.93 6.48
N GLY A 60 -5.25 6.02 6.62
CA GLY A 60 -4.69 7.33 6.92
C GLY A 60 -3.29 7.42 7.51
N THR A 61 -2.32 6.66 6.98
CA THR A 61 -0.98 6.70 7.52
C THR A 61 -0.14 7.64 6.73
N GLY A 62 -0.30 8.87 7.08
CA GLY A 62 0.47 9.97 6.52
C GLY A 62 0.70 9.85 5.02
N LEU A 63 0.14 8.81 4.41
CA LEU A 63 0.41 8.54 3.00
C LEU A 63 -0.79 8.62 2.10
N GLU A 64 -0.47 8.50 0.82
CA GLU A 64 -1.45 8.52 -0.26
C GLU A 64 -0.81 7.92 -1.49
N ALA A 65 -1.48 6.98 -2.12
CA ALA A 65 -0.93 6.30 -3.28
C ALA A 65 -1.54 6.81 -4.58
N SER A 66 -0.68 7.24 -5.48
CA SER A 66 -1.11 7.72 -6.79
C SER A 66 -1.17 6.59 -7.81
N ARG A 67 -2.38 6.08 -8.04
CA ARG A 67 -2.60 4.98 -8.96
C ARG A 67 -2.04 5.22 -10.35
N GLY A 68 -2.09 4.15 -11.12
CA GLY A 68 -1.61 4.16 -12.49
C GLY A 68 -2.60 3.51 -13.44
N ALA A 69 -2.15 3.18 -14.65
CA ALA A 69 -3.01 2.55 -15.64
C ALA A 69 -2.44 1.21 -16.07
N ASN A 70 -1.55 0.67 -15.24
CA ASN A 70 -0.91 -0.59 -15.54
C ASN A 70 -0.61 -1.39 -14.27
N ALA A 71 -1.47 -1.21 -13.28
CA ALA A 71 -1.35 -1.88 -11.99
C ALA A 71 -0.14 -1.40 -11.23
N SER A 72 0.63 -0.48 -11.82
CA SER A 72 1.81 0.05 -11.17
C SER A 72 1.57 1.48 -10.73
N TYR A 73 1.27 1.58 -9.46
CA TYR A 73 0.97 2.81 -8.79
C TYR A 73 2.22 3.43 -8.20
N SER A 74 2.06 4.63 -7.69
CA SER A 74 3.14 5.33 -7.02
C SER A 74 2.64 5.87 -5.69
N LEU A 75 3.55 6.31 -4.82
CA LEU A 75 3.14 6.82 -3.51
C LEU A 75 3.20 8.34 -3.42
N GLN A 76 2.55 8.82 -2.37
CA GLN A 76 2.48 10.23 -2.04
C GLN A 76 2.42 10.33 -0.53
N ALA A 77 3.10 11.32 0.03
CA ALA A 77 3.20 11.44 1.46
C ALA A 77 2.91 12.83 2.02
N SER A 78 1.69 13.00 2.49
CA SER A 78 1.30 14.24 3.14
C SER A 78 1.36 14.00 4.65
N ALA A 79 2.47 14.43 5.27
CA ALA A 79 2.67 14.21 6.70
C ALA A 79 2.75 12.70 6.97
N SER A 80 3.71 12.06 6.29
CA SER A 80 3.93 10.61 6.37
C SER A 80 3.62 10.01 7.74
N THR A 81 3.20 8.75 7.71
CA THR A 81 2.85 8.00 8.92
C THR A 81 2.16 8.89 9.95
N GLY A 82 1.36 9.81 9.43
CA GLY A 82 0.62 10.74 10.25
C GLY A 82 -0.28 10.06 11.25
N GLY A 1 -6.15 -0.19 -11.70
CA GLY A 1 -5.73 -1.34 -10.85
C GLY A 1 -6.91 -2.06 -10.24
N SER A 2 -7.75 -2.66 -11.08
CA SER A 2 -8.91 -3.39 -10.59
C SER A 2 -8.55 -4.84 -10.31
N ALA A 3 -7.35 -5.03 -9.79
CA ALA A 3 -6.86 -6.35 -9.45
C ALA A 3 -7.07 -6.60 -7.97
N GLN A 4 -8.04 -7.43 -7.66
CA GLN A 4 -8.34 -7.72 -6.27
C GLN A 4 -7.71 -9.02 -5.83
N ALA A 5 -7.62 -9.21 -4.52
CA ALA A 5 -7.01 -10.39 -3.95
C ALA A 5 -7.24 -10.45 -2.45
N ASP A 6 -6.56 -11.40 -1.81
CA ASP A 6 -6.64 -11.58 -0.37
C ASP A 6 -5.34 -11.09 0.24
N PHE A 7 -5.42 -10.11 1.12
CA PHE A 7 -4.23 -9.52 1.71
C PHE A 7 -4.05 -9.94 3.14
N ASP A 8 -2.80 -9.85 3.61
CA ASP A 8 -2.44 -10.24 4.97
C ASP A 8 -1.24 -9.42 5.45
N ILE A 9 -1.51 -8.24 6.02
CA ILE A 9 -0.47 -7.39 6.52
C ILE A 9 -0.79 -6.85 7.91
N PRO A 10 -0.07 -7.35 8.94
CA PRO A 10 -0.21 -6.84 10.29
C PRO A 10 0.29 -5.44 10.29
N ALA A 11 0.53 -4.87 11.44
CA ALA A 11 1.04 -3.52 11.42
C ALA A 11 2.41 -3.50 10.71
N GLY A 12 2.39 -3.17 9.42
CA GLY A 12 3.61 -3.25 8.62
C GLY A 12 4.11 -1.95 8.03
N PRO A 13 5.44 -1.77 7.87
CA PRO A 13 5.95 -0.62 7.15
C PRO A 13 5.37 -0.66 5.76
N LEU A 14 5.13 0.46 5.12
CA LEU A 14 4.54 0.44 3.81
C LEU A 14 5.29 -0.44 2.82
N ALA A 15 6.54 -0.09 2.48
CA ALA A 15 7.29 -0.88 1.50
C ALA A 15 7.08 -2.37 1.74
N PRO A 16 7.40 -2.86 2.94
CA PRO A 16 7.21 -4.28 3.27
C PRO A 16 5.74 -4.67 3.19
N ALA A 17 4.85 -3.71 3.43
CA ALA A 17 3.41 -4.00 3.36
C ALA A 17 3.01 -4.13 1.92
N LEU A 18 3.55 -3.27 1.07
CA LEU A 18 3.27 -3.30 -0.35
C LEU A 18 4.02 -4.47 -0.95
N ALA A 19 5.08 -4.87 -0.27
CA ALA A 19 5.87 -6.00 -0.72
C ALA A 19 5.13 -7.28 -0.35
N HIS A 20 4.32 -7.17 0.70
CA HIS A 20 3.50 -8.29 1.18
C HIS A 20 2.14 -8.25 0.50
N PHE A 21 1.71 -7.03 0.19
CA PHE A 21 0.41 -6.81 -0.44
C PHE A 21 0.44 -7.27 -1.88
N GLY A 22 1.29 -6.62 -2.67
CA GLY A 22 1.39 -6.93 -4.09
C GLY A 22 1.70 -8.37 -4.37
N GLN A 23 2.20 -9.08 -3.36
CA GLN A 23 2.51 -10.49 -3.50
C GLN A 23 1.22 -11.29 -3.67
N SER A 24 0.37 -11.22 -2.66
CA SER A 24 -0.89 -11.90 -2.67
C SER A 24 -1.89 -11.13 -3.51
N ALA A 25 -1.56 -9.87 -3.77
CA ALA A 25 -2.42 -8.98 -4.52
C ALA A 25 -2.05 -8.88 -5.98
N HIS A 26 -0.84 -9.26 -6.31
CA HIS A 26 -0.35 -9.14 -7.67
C HIS A 26 -0.40 -7.67 -8.07
N ILE A 27 -0.29 -6.80 -7.06
CA ILE A 27 -0.31 -5.35 -7.31
C ILE A 27 1.09 -4.85 -7.47
N LEU A 28 1.20 -3.67 -8.07
CA LEU A 28 2.45 -3.08 -8.38
C LEU A 28 2.59 -1.82 -7.59
N LEU A 29 3.70 -1.69 -6.93
CA LEU A 29 3.87 -0.57 -6.04
C LEU A 29 5.21 0.17 -6.25
N SER A 30 5.12 1.49 -6.50
CA SER A 30 6.31 2.31 -6.69
C SER A 30 6.42 3.33 -5.56
N TYR A 31 7.56 3.31 -4.86
CA TYR A 31 7.78 4.20 -3.72
C TYR A 31 9.26 4.30 -3.40
N PRO A 32 9.70 5.47 -2.90
CA PRO A 32 11.08 5.67 -2.51
C PRO A 32 11.33 4.95 -1.19
N THR A 33 12.58 4.75 -0.83
CA THR A 33 12.84 4.12 0.44
C THR A 33 12.72 5.21 1.45
N ALA A 34 12.83 6.42 0.92
CA ALA A 34 12.74 7.61 1.71
C ALA A 34 11.38 7.69 2.37
N LEU A 35 10.34 7.49 1.57
CA LEU A 35 8.97 7.55 2.06
C LEU A 35 8.62 6.34 2.91
N THR A 36 9.00 5.16 2.44
CA THR A 36 8.71 3.94 3.16
C THR A 36 9.43 3.85 4.50
N GLU A 37 10.73 4.18 4.53
CA GLU A 37 11.48 4.13 5.75
C GLU A 37 11.21 5.33 6.64
N GLY A 38 9.95 5.66 6.69
CA GLY A 38 9.47 6.76 7.47
C GLY A 38 7.99 6.62 7.69
N ARG A 39 7.35 6.00 6.70
CA ARG A 39 5.95 5.78 6.75
C ARG A 39 5.58 4.29 6.74
N SER A 40 4.61 3.93 7.55
CA SER A 40 4.17 2.56 7.60
C SER A 40 2.70 2.46 7.40
N THR A 41 2.22 1.26 7.58
CA THR A 41 0.84 0.94 7.48
C THR A 41 0.61 -0.12 8.47
N SER A 42 -0.19 0.14 9.46
CA SER A 42 -0.33 -0.88 10.38
C SER A 42 -1.67 -1.51 10.31
N GLY A 43 -1.92 -2.14 9.17
CA GLY A 43 -3.09 -2.91 9.04
C GLY A 43 -3.53 -3.19 7.63
N LEU A 44 -3.54 -4.44 7.19
CA LEU A 44 -4.10 -4.73 5.87
C LEU A 44 -4.14 -6.18 5.59
N ALA A 45 -5.30 -6.75 5.65
CA ALA A 45 -5.41 -8.16 5.42
C ALA A 45 -6.83 -8.59 5.13
N GLY A 46 -7.16 -8.65 3.84
CA GLY A 46 -8.50 -9.03 3.44
C GLY A 46 -8.65 -9.23 1.94
N ARG A 47 -9.77 -9.82 1.52
CA ARG A 47 -10.02 -9.99 0.10
C ARG A 47 -10.62 -8.70 -0.45
N PHE A 48 -9.80 -7.88 -1.09
CA PHE A 48 -10.26 -6.58 -1.64
C PHE A 48 -9.50 -6.17 -2.88
N ASP A 49 -9.71 -4.93 -3.30
CA ASP A 49 -9.05 -4.38 -4.48
C ASP A 49 -7.84 -3.51 -4.09
N ILE A 50 -7.02 -3.22 -5.10
CA ILE A 50 -5.87 -2.35 -4.95
C ILE A 50 -6.30 -1.21 -4.05
N ASP A 51 -7.38 -0.64 -4.49
CA ASP A 51 -8.05 0.46 -3.87
C ASP A 51 -8.22 0.27 -2.38
N GLN A 52 -9.04 -0.71 -2.04
CA GLN A 52 -9.35 -0.98 -0.64
C GLN A 52 -8.11 -1.43 0.09
N GLY A 53 -7.48 -2.49 -0.42
CA GLY A 53 -6.26 -2.96 0.20
C GLY A 53 -5.35 -1.80 0.49
N LEU A 54 -4.96 -1.08 -0.56
CA LEU A 54 -4.14 0.09 -0.37
C LEU A 54 -4.77 0.92 0.68
N ALA A 55 -5.89 1.52 0.35
CA ALA A 55 -6.57 2.39 1.29
C ALA A 55 -6.65 1.81 2.70
N ILE A 56 -6.54 0.49 2.84
CA ILE A 56 -6.57 -0.10 4.18
C ILE A 56 -5.19 0.06 4.75
N LEU A 57 -4.28 -0.58 4.06
CA LEU A 57 -2.88 -0.50 4.40
C LEU A 57 -2.52 0.96 4.57
N LEU A 58 -2.82 1.70 3.52
CA LEU A 58 -2.61 3.10 3.45
C LEU A 58 -3.57 3.87 4.31
N ALA A 59 -4.41 3.16 5.08
CA ALA A 59 -5.33 3.85 5.96
C ALA A 59 -4.58 5.04 6.47
N GLY A 60 -5.28 6.15 6.58
CA GLY A 60 -4.71 7.45 6.90
C GLY A 60 -3.31 7.50 7.51
N THR A 61 -2.35 6.72 6.98
CA THR A 61 -1.02 6.73 7.54
C THR A 61 -0.13 7.65 6.78
N GLY A 62 -0.27 8.89 7.16
CA GLY A 62 0.53 9.98 6.64
C GLY A 62 0.77 9.93 5.14
N LEU A 63 0.27 8.89 4.49
CA LEU A 63 0.54 8.66 3.09
C LEU A 63 -0.68 8.59 2.20
N GLU A 64 -0.42 8.53 0.90
CA GLU A 64 -1.46 8.46 -0.12
C GLU A 64 -0.94 7.86 -1.39
N ALA A 65 -1.66 6.91 -1.93
CA ALA A 65 -1.18 6.24 -3.13
C ALA A 65 -1.84 6.76 -4.39
N SER A 66 -1.00 7.13 -5.33
CA SER A 66 -1.46 7.61 -6.64
C SER A 66 -1.29 6.52 -7.69
N ARG A 67 -2.38 5.82 -7.99
CA ARG A 67 -2.37 4.74 -8.99
C ARG A 67 -2.22 5.29 -10.40
N GLY A 68 -1.45 4.57 -11.22
CA GLY A 68 -1.24 4.99 -12.59
C GLY A 68 -2.30 4.42 -13.53
N ALA A 69 -1.88 4.07 -14.74
CA ALA A 69 -2.81 3.51 -15.72
C ALA A 69 -2.34 2.13 -16.13
N ASN A 70 -1.50 1.53 -15.30
CA ASN A 70 -0.94 0.23 -15.58
C ASN A 70 -0.82 -0.62 -14.32
N ALA A 71 -1.77 -0.43 -13.41
CA ALA A 71 -1.81 -1.17 -12.15
C ALA A 71 -0.64 -0.82 -11.24
N SER A 72 0.23 0.06 -11.70
CA SER A 72 1.38 0.46 -10.91
C SER A 72 1.08 1.75 -10.17
N TYR A 73 1.03 1.64 -8.85
CA TYR A 73 0.73 2.74 -7.98
C TYR A 73 1.98 3.54 -7.63
N SER A 74 1.77 4.66 -6.98
CA SER A 74 2.84 5.49 -6.50
C SER A 74 2.44 6.03 -5.14
N LEU A 75 3.38 6.59 -4.40
CA LEU A 75 3.02 7.10 -3.09
C LEU A 75 3.09 8.63 -3.01
N GLN A 76 2.27 9.14 -2.12
CA GLN A 76 2.14 10.55 -1.81
C GLN A 76 2.19 10.68 -0.30
N ALA A 77 2.77 11.78 0.19
CA ALA A 77 2.97 11.93 1.61
C ALA A 77 2.50 13.24 2.20
N SER A 78 1.30 13.21 2.77
CA SER A 78 0.77 14.36 3.47
C SER A 78 0.96 14.13 4.97
N ALA A 79 2.03 14.70 5.53
CA ALA A 79 2.35 14.50 6.95
C ALA A 79 2.57 13.01 7.23
N SER A 80 3.75 12.51 6.86
CA SER A 80 4.10 11.09 7.03
C SER A 80 3.56 10.48 8.31
N THR A 81 3.20 9.19 8.21
CA THR A 81 2.67 8.42 9.33
C THR A 81 1.76 9.26 10.22
N GLY A 82 1.09 10.23 9.61
CA GLY A 82 0.19 11.10 10.33
C GLY A 82 0.91 12.15 11.16
N GLY A 1 -8.57 0.68 -8.74
CA GLY A 1 -7.74 0.07 -9.80
C GLY A 1 -8.51 -0.93 -10.64
N SER A 2 -8.02 -2.17 -10.66
CA SER A 2 -8.66 -3.24 -11.40
C SER A 2 -7.92 -4.55 -11.16
N ALA A 3 -7.37 -4.65 -9.97
CA ALA A 3 -6.63 -5.83 -9.56
C ALA A 3 -6.96 -6.11 -8.11
N GLN A 4 -7.87 -7.05 -7.90
CA GLN A 4 -8.28 -7.39 -6.55
C GLN A 4 -7.58 -8.65 -6.09
N ALA A 5 -7.63 -8.89 -4.79
CA ALA A 5 -6.98 -10.06 -4.20
C ALA A 5 -7.32 -10.21 -2.72
N ASP A 6 -6.57 -11.12 -2.09
CA ASP A 6 -6.71 -11.38 -0.66
C ASP A 6 -5.49 -10.82 0.03
N PHE A 7 -5.70 -9.85 0.90
CA PHE A 7 -4.58 -9.18 1.56
C PHE A 7 -4.36 -9.69 2.96
N ASP A 8 -3.13 -9.49 3.44
CA ASP A 8 -2.73 -9.97 4.75
C ASP A 8 -1.49 -9.23 5.25
N ILE A 9 -1.73 -8.12 5.93
CA ILE A 9 -0.67 -7.32 6.48
C ILE A 9 -1.01 -6.85 7.89
N PRO A 10 -0.38 -7.47 8.91
CA PRO A 10 -0.55 -7.06 10.29
C PRO A 10 0.01 -5.67 10.40
N ALA A 11 0.17 -5.17 11.60
CA ALA A 11 0.74 -3.85 11.69
C ALA A 11 2.15 -3.85 11.11
N GLY A 12 2.27 -3.44 9.85
CA GLY A 12 3.55 -3.51 9.16
C GLY A 12 4.15 -2.20 8.75
N PRO A 13 5.38 -2.23 8.18
CA PRO A 13 6.05 -1.08 7.62
C PRO A 13 5.48 -0.85 6.23
N LEU A 14 5.56 0.36 5.71
CA LEU A 14 4.99 0.62 4.39
C LEU A 14 5.58 -0.29 3.31
N ALA A 15 6.83 -0.05 2.92
CA ALA A 15 7.46 -0.84 1.86
C ALA A 15 7.20 -2.32 2.06
N PRO A 16 7.59 -2.87 3.23
CA PRO A 16 7.37 -4.28 3.52
C PRO A 16 5.90 -4.67 3.48
N ALA A 17 5.00 -3.73 3.78
CA ALA A 17 3.58 -4.05 3.72
C ALA A 17 3.20 -4.14 2.27
N LEU A 18 3.80 -3.24 1.50
CA LEU A 18 3.58 -3.20 0.07
C LEU A 18 4.36 -4.32 -0.58
N ALA A 19 5.36 -4.82 0.12
CA ALA A 19 6.15 -5.92 -0.37
C ALA A 19 5.38 -7.21 -0.15
N HIS A 20 4.62 -7.23 0.94
CA HIS A 20 3.79 -8.37 1.30
C HIS A 20 2.38 -8.22 0.73
N PHE A 21 1.98 -6.99 0.43
CA PHE A 21 0.66 -6.74 -0.12
C PHE A 21 0.62 -7.15 -1.59
N GLY A 22 1.46 -6.50 -2.36
CA GLY A 22 1.52 -6.77 -3.78
C GLY A 22 1.78 -8.21 -4.12
N GLN A 23 2.22 -8.97 -3.13
CA GLN A 23 2.50 -10.39 -3.31
C GLN A 23 1.19 -11.15 -3.50
N SER A 24 0.32 -11.09 -2.50
CA SER A 24 -0.97 -11.75 -2.57
C SER A 24 -1.91 -10.89 -3.36
N ALA A 25 -1.51 -9.64 -3.55
CA ALA A 25 -2.33 -8.67 -4.26
C ALA A 25 -1.92 -8.48 -5.70
N HIS A 26 -0.75 -8.98 -6.05
CA HIS A 26 -0.23 -8.80 -7.40
C HIS A 26 -0.16 -7.32 -7.70
N ILE A 27 -0.01 -6.52 -6.64
CA ILE A 27 0.06 -5.06 -6.79
C ILE A 27 1.50 -4.59 -6.90
N LEU A 28 1.63 -3.45 -7.53
CA LEU A 28 2.88 -2.83 -7.83
C LEU A 28 2.79 -1.39 -7.45
N LEU A 29 3.71 -0.94 -6.64
CA LEU A 29 3.64 0.39 -6.13
C LEU A 29 4.95 1.16 -6.35
N SER A 30 4.88 2.27 -7.09
CA SER A 30 6.06 3.09 -7.34
C SER A 30 6.22 4.11 -6.22
N TYR A 31 7.36 4.09 -5.57
CA TYR A 31 7.63 4.98 -4.44
C TYR A 31 9.13 5.13 -4.19
N PRO A 32 9.52 6.24 -3.56
CA PRO A 32 10.91 6.49 -3.21
C PRO A 32 11.31 5.59 -2.06
N THR A 33 12.58 5.53 -1.73
CA THR A 33 12.97 4.71 -0.60
C THR A 33 12.72 5.55 0.60
N ALA A 34 12.61 6.85 0.32
CA ALA A 34 12.36 7.82 1.33
C ALA A 34 11.00 7.58 1.95
N LEU A 35 10.01 7.42 1.07
CA LEU A 35 8.65 7.17 1.50
C LEU A 35 8.52 5.80 2.12
N THR A 36 9.19 4.83 1.53
CA THR A 36 9.14 3.48 2.04
C THR A 36 9.71 3.46 3.45
N GLU A 37 10.95 3.92 3.61
CA GLU A 37 11.58 3.96 4.89
C GLU A 37 11.14 5.17 5.70
N GLY A 38 9.87 5.48 5.57
CA GLY A 38 9.32 6.60 6.28
C GLY A 38 7.97 6.29 6.83
N ARG A 39 7.28 5.35 6.21
CA ARG A 39 5.97 4.99 6.68
C ARG A 39 5.82 3.52 7.01
N SER A 40 4.71 3.25 7.66
CA SER A 40 4.33 1.92 8.03
C SER A 40 2.86 1.83 7.93
N THR A 41 2.40 0.68 7.63
CA THR A 41 1.01 0.47 7.50
C THR A 41 0.67 -0.54 8.50
N SER A 42 -0.02 -0.17 9.53
CA SER A 42 -0.29 -1.16 10.49
C SER A 42 -1.68 -1.67 10.32
N GLY A 43 -1.93 -2.23 9.16
CA GLY A 43 -3.17 -2.90 9.00
C GLY A 43 -3.62 -3.13 7.57
N LEU A 44 -3.71 -4.37 7.13
CA LEU A 44 -4.28 -4.61 5.82
C LEU A 44 -4.36 -6.09 5.54
N ALA A 45 -5.53 -6.63 5.62
CA ALA A 45 -5.67 -8.06 5.38
C ALA A 45 -7.10 -8.46 5.07
N GLY A 46 -7.40 -8.51 3.79
CA GLY A 46 -8.74 -8.89 3.37
C GLY A 46 -8.85 -9.07 1.87
N ARG A 47 -9.91 -9.73 1.42
CA ARG A 47 -10.11 -9.91 0.00
C ARG A 47 -10.78 -8.66 -0.58
N PHE A 48 -9.97 -7.79 -1.20
CA PHE A 48 -10.48 -6.53 -1.74
C PHE A 48 -9.71 -6.07 -2.97
N ASP A 49 -9.86 -4.80 -3.29
CA ASP A 49 -9.16 -4.21 -4.43
C ASP A 49 -7.92 -3.43 -4.02
N ILE A 50 -7.05 -3.22 -5.00
CA ILE A 50 -5.84 -2.45 -4.82
C ILE A 50 -6.19 -1.24 -3.99
N ASP A 51 -7.24 -0.62 -4.44
CA ASP A 51 -7.80 0.55 -3.84
C ASP A 51 -8.00 0.37 -2.36
N GLN A 52 -8.87 -0.55 -2.02
CA GLN A 52 -9.21 -0.81 -0.63
C GLN A 52 -7.98 -1.22 0.14
N GLY A 53 -7.33 -2.30 -0.31
CA GLY A 53 -6.14 -2.75 0.37
C GLY A 53 -5.11 -1.66 0.50
N LEU A 54 -4.64 -1.17 -0.64
CA LEU A 54 -3.67 -0.12 -0.67
C LEU A 54 -4.10 1.00 0.26
N ALA A 55 -5.32 1.49 0.04
CA ALA A 55 -5.86 2.56 0.87
C ALA A 55 -6.08 2.11 2.31
N ILE A 56 -6.24 0.81 2.56
CA ILE A 56 -6.40 0.36 3.94
C ILE A 56 -5.06 0.42 4.57
N LEU A 57 -4.22 -0.41 4.01
CA LEU A 57 -2.83 -0.51 4.39
C LEU A 57 -2.31 0.90 4.62
N LEU A 58 -2.54 1.72 3.62
CA LEU A 58 -2.10 3.07 3.63
C LEU A 58 -2.91 3.97 4.54
N ALA A 59 -4.18 3.64 4.85
CA ALA A 59 -4.83 4.56 5.74
C ALA A 59 -4.48 4.13 7.13
N GLY A 60 -3.24 4.39 7.41
CA GLY A 60 -2.65 4.16 8.66
C GLY A 60 -1.70 5.28 8.96
N THR A 61 -0.80 5.38 7.96
CA THR A 61 0.32 6.25 7.99
C THR A 61 0.30 7.44 7.08
N GLY A 62 -0.39 8.44 7.49
CA GLY A 62 -0.38 9.73 6.79
C GLY A 62 -0.29 9.63 5.26
N LEU A 63 -0.35 8.40 4.74
CA LEU A 63 -0.11 8.16 3.32
C LEU A 63 -1.34 8.13 2.44
N GLU A 64 -1.05 8.13 1.15
CA GLU A 64 -2.04 8.09 0.10
C GLU A 64 -1.37 7.64 -1.19
N ALA A 65 -1.96 6.69 -1.89
CA ALA A 65 -1.35 6.19 -3.11
C ALA A 65 -2.12 6.54 -4.38
N SER A 66 -1.39 7.04 -5.36
CA SER A 66 -1.96 7.42 -6.66
C SER A 66 -2.09 6.20 -7.57
N ARG A 67 -2.91 6.33 -8.62
CA ARG A 67 -3.17 5.24 -9.55
C ARG A 67 -2.22 5.26 -10.76
N GLY A 68 -2.04 4.08 -11.37
CA GLY A 68 -1.19 3.96 -12.54
C GLY A 68 -1.97 3.44 -13.74
N ALA A 69 -1.26 2.97 -14.77
CA ALA A 69 -1.91 2.46 -15.97
C ALA A 69 -1.51 1.03 -16.25
N ASN A 70 -1.00 0.36 -15.22
CA ASN A 70 -0.55 -1.02 -15.39
C ASN A 70 -0.40 -1.73 -14.05
N ALA A 71 -1.43 -1.63 -13.23
CA ALA A 71 -1.43 -2.23 -11.90
C ALA A 71 -0.36 -1.61 -11.02
N SER A 72 0.37 -0.65 -11.57
CA SER A 72 1.42 0.01 -10.83
C SER A 72 0.94 1.34 -10.28
N TYR A 73 0.58 1.32 -9.01
CA TYR A 73 0.11 2.50 -8.33
C TYR A 73 1.29 3.22 -7.71
N SER A 74 1.21 4.52 -7.63
CA SER A 74 2.28 5.29 -7.04
C SER A 74 1.86 5.78 -5.68
N LEU A 75 2.79 6.30 -4.90
CA LEU A 75 2.44 6.75 -3.57
C LEU A 75 2.45 8.27 -3.43
N GLN A 76 1.85 8.70 -2.34
CA GLN A 76 1.71 10.10 -1.97
C GLN A 76 1.65 10.17 -0.45
N ALA A 77 2.21 11.23 0.11
CA ALA A 77 2.32 11.35 1.54
C ALA A 77 1.88 12.69 2.11
N SER A 78 0.69 12.72 2.68
CA SER A 78 0.21 13.90 3.36
C SER A 78 0.42 13.69 4.85
N ALA A 79 1.51 14.24 5.36
CA ALA A 79 1.87 14.07 6.76
C ALA A 79 1.98 12.57 7.07
N SER A 80 2.93 11.91 6.40
CA SER A 80 3.14 10.45 6.54
C SER A 80 3.11 9.97 7.98
N THR A 81 3.13 8.64 8.12
CA THR A 81 3.10 7.98 9.41
C THR A 81 2.18 8.73 10.36
N GLY A 82 1.06 9.19 9.81
CA GLY A 82 0.08 9.93 10.57
C GLY A 82 -0.68 9.06 11.55
N GLY A 1 -5.72 -0.23 -12.91
CA GLY A 1 -6.30 -0.50 -11.56
C GLY A 1 -7.59 -1.30 -11.63
N SER A 2 -7.47 -2.61 -11.76
CA SER A 2 -8.62 -3.49 -11.83
C SER A 2 -8.22 -4.91 -11.48
N ALA A 3 -7.35 -5.02 -10.49
CA ALA A 3 -6.86 -6.31 -10.05
C ALA A 3 -7.04 -6.42 -8.55
N GLN A 4 -7.96 -7.27 -8.12
CA GLN A 4 -8.23 -7.42 -6.71
C GLN A 4 -7.50 -8.65 -6.18
N ALA A 5 -7.59 -8.86 -4.89
CA ALA A 5 -6.90 -9.98 -4.27
C ALA A 5 -7.27 -10.15 -2.79
N ASP A 6 -6.53 -11.05 -2.15
CA ASP A 6 -6.69 -11.34 -0.73
C ASP A 6 -5.44 -10.85 -0.03
N PHE A 7 -5.59 -9.93 0.90
CA PHE A 7 -4.44 -9.35 1.56
C PHE A 7 -4.28 -9.88 2.97
N ASP A 8 -3.03 -9.84 3.43
CA ASP A 8 -2.66 -10.33 4.76
C ASP A 8 -1.47 -9.53 5.31
N ILE A 9 -1.78 -8.41 5.96
CA ILE A 9 -0.75 -7.56 6.54
C ILE A 9 -1.10 -7.13 7.95
N PRO A 10 -0.44 -7.73 8.96
CA PRO A 10 -0.61 -7.31 10.34
C PRO A 10 -0.07 -5.92 10.43
N ALA A 11 0.19 -5.44 11.61
CA ALA A 11 0.74 -4.11 11.66
C ALA A 11 2.12 -4.12 10.98
N GLY A 12 2.13 -3.76 9.70
CA GLY A 12 3.36 -3.84 8.91
C GLY A 12 3.90 -2.52 8.37
N PRO A 13 5.21 -2.22 8.54
CA PRO A 13 5.79 -1.05 7.94
C PRO A 13 5.23 -0.84 6.53
N LEU A 14 5.24 0.37 6.02
CA LEU A 14 4.66 0.63 4.70
C LEU A 14 5.32 -0.19 3.59
N ALA A 15 6.57 0.14 3.24
CA ALA A 15 7.27 -0.58 2.17
C ALA A 15 7.04 -2.08 2.28
N PRO A 16 7.37 -2.68 3.44
CA PRO A 16 7.17 -4.11 3.66
C PRO A 16 5.70 -4.51 3.60
N ALA A 17 4.79 -3.59 3.96
CA ALA A 17 3.38 -3.94 3.90
C ALA A 17 3.00 -3.99 2.45
N LEU A 18 3.61 -3.10 1.68
CA LEU A 18 3.40 -3.06 0.25
C LEU A 18 4.16 -4.21 -0.36
N ALA A 19 5.20 -4.65 0.33
CA ALA A 19 5.98 -5.78 -0.13
C ALA A 19 5.17 -7.05 0.08
N HIS A 20 4.30 -7.00 1.10
CA HIS A 20 3.43 -8.10 1.44
C HIS A 20 2.09 -7.95 0.73
N PHE A 21 1.71 -6.71 0.47
CA PHE A 21 0.44 -6.43 -0.18
C PHE A 21 0.53 -6.81 -1.65
N GLY A 22 1.43 -6.13 -2.35
CA GLY A 22 1.57 -6.36 -3.76
C GLY A 22 1.91 -7.77 -4.13
N GLN A 23 2.29 -8.57 -3.13
CA GLN A 23 2.62 -9.97 -3.35
C GLN A 23 1.34 -10.78 -3.55
N SER A 24 0.49 -10.79 -2.54
CA SER A 24 -0.77 -11.49 -2.59
C SER A 24 -1.73 -10.70 -3.46
N ALA A 25 -1.39 -9.42 -3.60
CA ALA A 25 -2.20 -8.49 -4.36
C ALA A 25 -1.70 -8.31 -5.78
N HIS A 26 -0.49 -8.80 -6.04
CA HIS A 26 0.10 -8.65 -7.36
C HIS A 26 0.18 -7.17 -7.69
N ILE A 27 0.29 -6.36 -6.64
CA ILE A 27 0.33 -4.90 -6.82
C ILE A 27 1.73 -4.34 -6.82
N LEU A 28 1.83 -3.21 -7.47
CA LEU A 28 3.05 -2.51 -7.68
C LEU A 28 2.88 -1.09 -7.24
N LEU A 29 3.77 -0.62 -6.40
CA LEU A 29 3.66 0.72 -5.88
C LEU A 29 4.90 1.55 -6.18
N SER A 30 4.72 2.66 -6.90
CA SER A 30 5.83 3.54 -7.27
C SER A 30 6.07 4.58 -6.18
N TYR A 31 7.19 4.43 -5.47
CA TYR A 31 7.55 5.32 -4.39
C TYR A 31 9.06 5.42 -4.27
N PRO A 32 9.57 6.53 -3.70
CA PRO A 32 10.99 6.74 -3.51
C PRO A 32 11.58 5.66 -2.63
N THR A 33 12.90 5.62 -2.51
CA THR A 33 13.54 4.63 -1.67
C THR A 33 13.47 5.19 -0.28
N ALA A 34 13.05 6.44 -0.25
CA ALA A 34 12.91 7.18 0.97
C ALA A 34 11.57 6.90 1.62
N LEU A 35 10.51 7.13 0.85
CA LEU A 35 9.17 6.89 1.34
C LEU A 35 9.07 5.51 1.93
N THR A 36 9.66 4.52 1.25
CA THR A 36 9.63 3.16 1.75
C THR A 36 10.03 3.20 3.22
N GLU A 37 11.07 3.98 3.50
CA GLU A 37 11.54 4.21 4.83
C GLU A 37 10.93 5.49 5.35
N GLY A 38 9.63 5.60 5.16
CA GLY A 38 8.91 6.78 5.56
C GLY A 38 7.68 6.46 6.33
N ARG A 39 7.10 5.28 6.10
CA ARG A 39 5.87 4.95 6.78
C ARG A 39 5.76 3.49 7.19
N SER A 40 4.77 3.28 8.02
CA SER A 40 4.39 1.97 8.51
C SER A 40 2.90 1.89 8.44
N THR A 41 2.37 0.72 8.28
CA THR A 41 0.96 0.58 8.21
C THR A 41 0.61 -0.49 9.15
N SER A 42 -0.36 -0.29 9.97
CA SER A 42 -0.61 -1.36 10.84
C SER A 42 -1.96 -1.91 10.61
N GLY A 43 -2.15 -2.46 9.43
CA GLY A 43 -3.34 -3.18 9.18
C GLY A 43 -3.72 -3.35 7.74
N LEU A 44 -3.76 -4.56 7.23
CA LEU A 44 -4.26 -4.75 5.89
C LEU A 44 -4.32 -6.20 5.56
N ALA A 45 -5.50 -6.75 5.58
CA ALA A 45 -5.60 -8.16 5.31
C ALA A 45 -7.02 -8.61 4.99
N GLY A 46 -7.33 -8.64 3.72
CA GLY A 46 -8.66 -9.05 3.29
C GLY A 46 -8.78 -9.21 1.80
N ARG A 47 -9.82 -9.89 1.34
CA ARG A 47 -10.01 -10.04 -0.09
C ARG A 47 -10.73 -8.81 -0.63
N PHE A 48 -9.96 -7.89 -1.21
CA PHE A 48 -10.53 -6.64 -1.72
C PHE A 48 -9.78 -6.11 -2.93
N ASP A 49 -10.04 -4.86 -3.25
CA ASP A 49 -9.40 -4.20 -4.38
C ASP A 49 -8.08 -3.54 -4.01
N ILE A 50 -7.21 -3.41 -5.00
CA ILE A 50 -5.96 -2.75 -4.88
C ILE A 50 -6.16 -1.51 -4.04
N ASP A 51 -7.20 -0.82 -4.43
CA ASP A 51 -7.63 0.39 -3.83
C ASP A 51 -7.90 0.22 -2.35
N GLN A 52 -8.84 -0.66 -2.04
CA GLN A 52 -9.21 -0.88 -0.66
C GLN A 52 -7.99 -1.29 0.13
N GLY A 53 -7.32 -2.34 -0.33
CA GLY A 53 -6.12 -2.79 0.36
C GLY A 53 -5.15 -1.66 0.55
N LEU A 54 -4.75 -1.06 -0.58
CA LEU A 54 -3.83 0.06 -0.54
C LEU A 54 -4.34 1.05 0.46
N ALA A 55 -5.44 1.66 0.11
CA ALA A 55 -6.08 2.65 0.97
C ALA A 55 -6.31 2.15 2.38
N ILE A 56 -6.40 0.84 2.60
CA ILE A 56 -6.59 0.36 3.96
C ILE A 56 -5.27 0.46 4.64
N LEU A 57 -4.38 -0.34 4.10
CA LEU A 57 -3.00 -0.40 4.55
C LEU A 57 -2.51 0.99 4.78
N LEU A 58 -2.81 1.81 3.81
CA LEU A 58 -2.40 3.15 3.77
C LEU A 58 -3.24 4.06 4.63
N ALA A 59 -4.50 3.72 4.91
CA ALA A 59 -5.22 4.66 5.75
C ALA A 59 -4.98 4.28 7.16
N GLY A 60 -3.77 4.53 7.51
CA GLY A 60 -3.27 4.36 8.81
C GLY A 60 -2.30 5.45 9.08
N THR A 61 -1.39 5.47 8.09
CA THR A 61 -0.22 6.28 8.09
C THR A 61 -0.17 7.39 7.10
N GLY A 62 -0.76 8.48 7.44
CA GLY A 62 -0.65 9.71 6.64
C GLY A 62 -0.58 9.50 5.14
N LEU A 63 -0.84 8.28 4.68
CA LEU A 63 -0.63 7.96 3.29
C LEU A 63 -1.83 7.92 2.38
N GLU A 64 -1.51 7.75 1.10
CA GLU A 64 -2.49 7.69 0.03
C GLU A 64 -1.80 7.29 -1.26
N ALA A 65 -2.32 6.28 -1.94
CA ALA A 65 -1.71 5.83 -3.17
C ALA A 65 -2.58 6.09 -4.38
N SER A 66 -1.98 6.68 -5.41
CA SER A 66 -2.66 7.01 -6.65
C SER A 66 -2.63 5.83 -7.62
N ARG A 67 -3.52 5.88 -8.62
CA ARG A 67 -3.63 4.81 -9.60
C ARG A 67 -2.74 5.03 -10.82
N GLY A 68 -2.33 3.92 -11.44
CA GLY A 68 -1.50 3.96 -12.62
C GLY A 68 -2.22 3.38 -13.83
N ALA A 69 -1.47 3.00 -14.87
CA ALA A 69 -2.07 2.44 -16.06
C ALA A 69 -1.49 1.06 -16.32
N ASN A 70 -0.92 0.46 -15.29
CA ASN A 70 -0.29 -0.82 -15.42
C ASN A 70 -0.13 -1.53 -14.07
N ALA A 71 -1.21 -1.52 -13.29
CA ALA A 71 -1.21 -2.13 -11.96
C ALA A 71 -0.21 -1.47 -11.04
N SER A 72 0.51 -0.48 -11.55
CA SER A 72 1.50 0.20 -10.74
C SER A 72 0.94 1.51 -10.20
N TYR A 73 0.52 1.46 -8.94
CA TYR A 73 -0.01 2.61 -8.27
C TYR A 73 1.14 3.35 -7.62
N SER A 74 1.05 4.66 -7.53
CA SER A 74 2.11 5.43 -6.93
C SER A 74 1.70 5.86 -5.54
N LEU A 75 2.65 5.87 -4.61
CA LEU A 75 2.33 6.24 -3.25
C LEU A 75 2.50 7.73 -2.97
N GLN A 76 1.54 8.27 -2.25
CA GLN A 76 1.52 9.66 -1.84
C GLN A 76 1.46 9.70 -0.33
N ALA A 77 2.36 10.47 0.24
CA ALA A 77 2.50 10.56 1.66
C ALA A 77 2.63 11.99 2.17
N SER A 78 1.55 12.50 2.74
CA SER A 78 1.62 13.82 3.33
C SER A 78 2.47 13.76 4.58
N ALA A 79 3.75 14.12 4.44
CA ALA A 79 4.70 14.09 5.55
C ALA A 79 4.93 12.67 6.07
N SER A 80 4.30 11.69 5.42
CA SER A 80 4.41 10.27 5.79
C SER A 80 4.11 10.02 7.27
N THR A 81 3.78 8.77 7.59
CA THR A 81 3.46 8.36 8.96
C THR A 81 2.69 9.44 9.73
N GLY A 82 1.77 10.12 9.02
CA GLY A 82 0.98 11.16 9.66
C GLY A 82 1.36 12.56 9.19
N GLY A 1 -7.23 1.19 -10.96
CA GLY A 1 -6.79 -0.22 -10.73
C GLY A 1 -7.96 -1.16 -10.56
N SER A 2 -7.76 -2.43 -10.91
CA SER A 2 -8.81 -3.43 -10.78
C SER A 2 -8.19 -4.79 -10.45
N ALA A 3 -7.19 -4.77 -9.59
CA ALA A 3 -6.52 -5.99 -9.18
C ALA A 3 -6.91 -6.33 -7.75
N GLN A 4 -7.85 -7.25 -7.61
CA GLN A 4 -8.31 -7.64 -6.29
C GLN A 4 -7.65 -8.92 -5.82
N ALA A 5 -7.68 -9.12 -4.52
CA ALA A 5 -7.06 -10.29 -3.91
C ALA A 5 -7.35 -10.39 -2.42
N ASP A 6 -6.62 -11.29 -1.76
CA ASP A 6 -6.70 -11.50 -0.33
C ASP A 6 -5.43 -10.91 0.29
N PHE A 7 -5.60 -9.97 1.20
CA PHE A 7 -4.45 -9.29 1.79
C PHE A 7 -4.21 -9.73 3.20
N ASP A 8 -2.98 -9.49 3.67
CA ASP A 8 -2.53 -9.90 5.00
C ASP A 8 -1.32 -9.09 5.45
N ILE A 9 -1.58 -7.95 6.10
CA ILE A 9 -0.52 -7.09 6.57
C ILE A 9 -0.78 -6.54 7.98
N PRO A 10 0.13 -6.87 8.93
CA PRO A 10 0.10 -6.36 10.29
C PRO A 10 0.80 -5.02 10.29
N ALA A 11 1.29 -4.60 11.42
CA ALA A 11 1.99 -3.32 11.42
C ALA A 11 3.37 -3.45 10.81
N GLY A 12 3.37 -3.28 9.51
CA GLY A 12 4.58 -3.37 8.71
C GLY A 12 4.89 -2.10 7.96
N PRO A 13 6.15 -1.64 7.90
CA PRO A 13 6.49 -0.53 7.06
C PRO A 13 5.79 -0.67 5.73
N LEU A 14 5.55 0.41 5.02
CA LEU A 14 4.89 0.29 3.75
C LEU A 14 5.63 -0.64 2.79
N ALA A 15 6.89 -0.32 2.49
CA ALA A 15 7.70 -1.13 1.56
C ALA A 15 7.33 -2.59 1.65
N PRO A 16 7.50 -3.16 2.86
CA PRO A 16 7.23 -4.56 3.10
C PRO A 16 5.74 -4.86 3.21
N ALA A 17 4.95 -3.88 3.65
CA ALA A 17 3.51 -4.10 3.71
C ALA A 17 3.05 -4.33 2.29
N LEU A 18 3.38 -3.36 1.45
CA LEU A 18 3.11 -3.45 0.03
C LEU A 18 3.84 -4.64 -0.56
N ALA A 19 5.04 -4.91 -0.05
CA ALA A 19 5.77 -6.07 -0.53
C ALA A 19 4.94 -7.31 -0.24
N HIS A 20 4.13 -7.21 0.81
CA HIS A 20 3.24 -8.27 1.23
C HIS A 20 1.87 -8.10 0.57
N PHE A 21 1.50 -6.86 0.27
CA PHE A 21 0.21 -6.58 -0.34
C PHE A 21 0.23 -6.98 -1.80
N GLY A 22 1.09 -6.31 -2.53
CA GLY A 22 1.18 -6.54 -3.95
C GLY A 22 1.53 -7.95 -4.34
N GLN A 23 2.01 -8.72 -3.37
CA GLN A 23 2.36 -10.12 -3.60
C GLN A 23 1.09 -10.95 -3.70
N SER A 24 0.27 -10.89 -2.64
CA SER A 24 -0.98 -11.59 -2.61
C SER A 24 -1.99 -10.85 -3.45
N ALA A 25 -1.68 -9.58 -3.68
CA ALA A 25 -2.56 -8.69 -4.44
C ALA A 25 -2.13 -8.52 -5.88
N HIS A 26 -0.93 -8.99 -6.20
CA HIS A 26 -0.40 -8.83 -7.53
C HIS A 26 -0.33 -7.35 -7.86
N ILE A 27 -0.22 -6.53 -6.81
CA ILE A 27 -0.16 -5.07 -7.00
C ILE A 27 1.27 -4.58 -7.07
N LEU A 28 1.39 -3.39 -7.64
CA LEU A 28 2.66 -2.78 -7.89
C LEU A 28 2.68 -1.36 -7.36
N LEU A 29 3.66 -1.05 -6.57
CA LEU A 29 3.79 0.26 -5.98
C LEU A 29 5.12 0.91 -6.38
N SER A 30 5.05 2.00 -7.16
CA SER A 30 6.26 2.65 -7.65
C SER A 30 6.60 3.90 -6.85
N TYR A 31 7.53 3.74 -5.91
CA TYR A 31 8.03 4.83 -5.07
C TYR A 31 9.34 4.38 -4.45
N PRO A 32 10.11 5.30 -3.87
CA PRO A 32 11.40 4.98 -3.28
C PRO A 32 11.21 4.34 -1.93
N THR A 33 12.28 3.83 -1.36
CA THR A 33 12.17 3.24 -0.05
C THR A 33 12.14 4.41 0.87
N ALA A 34 12.67 5.51 0.33
CA ALA A 34 12.74 6.77 1.04
C ALA A 34 11.45 7.01 1.78
N LEU A 35 10.35 7.03 1.05
CA LEU A 35 9.04 7.23 1.66
C LEU A 35 8.77 6.18 2.71
N THR A 36 8.90 4.90 2.33
CA THR A 36 8.65 3.80 3.24
C THR A 36 9.43 3.98 4.53
N GLU A 37 10.67 4.46 4.44
CA GLU A 37 11.47 4.71 5.60
C GLU A 37 11.09 6.03 6.23
N GLY A 38 9.80 6.16 6.40
CA GLY A 38 9.20 7.32 6.97
C GLY A 38 7.79 7.02 7.34
N ARG A 39 7.17 6.16 6.52
CA ARG A 39 5.83 5.74 6.75
C ARG A 39 5.72 4.22 6.84
N SER A 40 4.69 3.78 7.53
CA SER A 40 4.44 2.36 7.68
C SER A 40 2.98 2.09 7.69
N THR A 41 2.64 0.84 7.59
CA THR A 41 1.26 0.47 7.57
C THR A 41 0.99 -0.53 8.63
N SER A 42 0.00 -0.27 9.42
CA SER A 42 -0.32 -1.24 10.40
C SER A 42 -1.74 -1.66 10.22
N GLY A 43 -2.00 -2.26 9.08
CA GLY A 43 -3.26 -2.86 8.90
C GLY A 43 -3.66 -3.11 7.48
N LEU A 44 -3.73 -4.34 7.09
CA LEU A 44 -4.26 -4.66 5.78
C LEU A 44 -4.32 -6.13 5.57
N ALA A 45 -5.48 -6.69 5.68
CA ALA A 45 -5.60 -8.10 5.50
C ALA A 45 -7.02 -8.53 5.21
N GLY A 46 -7.35 -8.61 3.92
CA GLY A 46 -8.69 -8.99 3.53
C GLY A 46 -8.85 -9.22 2.04
N ARG A 47 -9.96 -9.81 1.63
CA ARG A 47 -10.22 -10.02 0.21
C ARG A 47 -10.87 -8.77 -0.38
N PHE A 48 -10.06 -7.95 -1.03
CA PHE A 48 -10.53 -6.68 -1.63
C PHE A 48 -9.73 -6.30 -2.86
N ASP A 49 -9.81 -5.03 -3.24
CA ASP A 49 -9.07 -4.54 -4.40
C ASP A 49 -7.90 -3.66 -4.01
N ILE A 50 -7.04 -3.40 -5.01
CA ILE A 50 -5.90 -2.53 -4.88
C ILE A 50 -6.31 -1.39 -4.00
N ASP A 51 -7.46 -0.91 -4.36
CA ASP A 51 -8.11 0.18 -3.72
C ASP A 51 -8.18 0.00 -2.23
N GLN A 52 -8.97 -0.98 -1.84
CA GLN A 52 -9.18 -1.25 -0.43
C GLN A 52 -7.88 -1.59 0.21
N GLY A 53 -7.21 -2.61 -0.32
CA GLY A 53 -5.95 -3.01 0.24
C GLY A 53 -5.01 -1.83 0.39
N LEU A 54 -4.62 -1.28 -0.75
CA LEU A 54 -3.74 -0.15 -0.78
C LEU A 54 -4.23 0.92 0.17
N ALA A 55 -5.43 1.43 -0.08
CA ALA A 55 -6.02 2.47 0.76
C ALA A 55 -6.20 2.03 2.20
N ILE A 56 -6.29 0.72 2.47
CA ILE A 56 -6.45 0.28 3.85
C ILE A 56 -5.09 0.37 4.47
N LEU A 57 -4.24 -0.45 3.90
CA LEU A 57 -2.85 -0.52 4.28
C LEU A 57 -2.32 0.87 4.47
N LEU A 58 -2.67 1.71 3.52
CA LEU A 58 -2.25 3.06 3.50
C LEU A 58 -3.04 3.95 4.40
N ALA A 59 -4.30 3.62 4.74
CA ALA A 59 -4.95 4.52 5.64
C ALA A 59 -4.61 4.09 7.02
N GLY A 60 -3.38 4.35 7.29
CA GLY A 60 -2.78 4.13 8.54
C GLY A 60 -1.85 5.26 8.83
N THR A 61 -1.00 5.41 7.80
CA THR A 61 0.11 6.30 7.83
C THR A 61 0.04 7.52 6.95
N GLY A 62 -0.69 8.48 7.40
CA GLY A 62 -0.74 9.79 6.74
C GLY A 62 -0.60 9.73 5.21
N LEU A 63 -0.66 8.52 4.66
CA LEU A 63 -0.38 8.30 3.25
C LEU A 63 -1.57 8.33 2.31
N GLU A 64 -1.19 8.27 1.03
CA GLU A 64 -2.11 8.26 -0.08
C GLU A 64 -1.37 7.80 -1.32
N ALA A 65 -1.93 6.84 -2.03
CA ALA A 65 -1.22 6.31 -3.19
C ALA A 65 -1.95 6.60 -4.50
N SER A 66 -1.20 7.15 -5.43
CA SER A 66 -1.71 7.48 -6.77
C SER A 66 -1.50 6.29 -7.72
N ARG A 67 -2.20 6.28 -8.85
CA ARG A 67 -2.07 5.19 -9.82
C ARG A 67 -1.11 5.55 -10.95
N GLY A 68 -0.51 4.52 -11.55
CA GLY A 68 0.40 4.72 -12.65
C GLY A 68 -0.24 4.43 -13.99
N ALA A 69 0.52 3.86 -14.92
CA ALA A 69 -0.02 3.53 -16.24
C ALA A 69 0.14 2.06 -16.51
N ASN A 70 0.30 1.29 -15.44
CA ASN A 70 0.50 -0.14 -15.56
C ASN A 70 0.18 -0.86 -14.25
N ALA A 71 -0.90 -0.43 -13.61
CA ALA A 71 -1.35 -0.99 -12.34
C ALA A 71 -0.36 -0.67 -11.23
N SER A 72 0.71 0.03 -11.59
CA SER A 72 1.72 0.40 -10.62
C SER A 72 1.35 1.71 -9.97
N TYR A 73 0.87 1.63 -8.74
CA TYR A 73 0.47 2.79 -8.01
C TYR A 73 1.65 3.39 -7.27
N SER A 74 1.75 4.69 -7.32
CA SER A 74 2.81 5.40 -6.63
C SER A 74 2.25 5.97 -5.36
N LEU A 75 3.11 6.39 -4.45
CA LEU A 75 2.61 6.91 -3.19
C LEU A 75 2.61 8.41 -3.09
N GLN A 76 1.95 8.85 -2.04
CA GLN A 76 1.81 10.25 -1.67
C GLN A 76 1.67 10.29 -0.17
N ALA A 77 2.29 11.27 0.44
CA ALA A 77 2.32 11.36 1.88
C ALA A 77 1.96 12.72 2.44
N SER A 78 0.74 12.82 2.94
CA SER A 78 0.30 14.05 3.59
C SER A 78 0.60 13.91 5.08
N ALA A 79 1.73 14.46 5.50
CA ALA A 79 2.18 14.38 6.90
C ALA A 79 2.68 12.98 7.24
N SER A 80 2.24 12.00 6.44
CA SER A 80 2.61 10.59 6.61
C SER A 80 2.47 10.09 8.03
N THR A 81 2.62 8.76 8.18
CA THR A 81 2.53 8.09 9.48
C THR A 81 1.50 8.76 10.40
N GLY A 82 0.42 9.23 9.78
CA GLY A 82 -0.63 9.90 10.52
C GLY A 82 -1.42 8.96 11.40
N GLY A 1 -5.26 -0.40 -11.18
CA GLY A 1 -6.01 -0.29 -9.90
C GLY A 1 -7.40 -0.88 -9.99
N SER A 2 -7.51 -2.04 -10.62
CA SER A 2 -8.79 -2.71 -10.78
C SER A 2 -8.61 -4.21 -10.65
N ALA A 3 -7.67 -4.59 -9.80
CA ALA A 3 -7.37 -5.99 -9.56
C ALA A 3 -7.57 -6.30 -8.09
N GLN A 4 -8.42 -7.25 -7.79
CA GLN A 4 -8.70 -7.61 -6.42
C GLN A 4 -7.90 -8.84 -6.00
N ALA A 5 -7.79 -9.03 -4.70
CA ALA A 5 -7.04 -10.15 -4.14
C ALA A 5 -7.26 -10.27 -2.65
N ASP A 6 -6.51 -11.19 -2.04
CA ASP A 6 -6.57 -11.42 -0.60
C ASP A 6 -5.28 -10.92 0.03
N PHE A 7 -5.39 -10.07 1.04
CA PHE A 7 -4.20 -9.50 1.66
C PHE A 7 -4.06 -9.96 3.10
N ASP A 8 -2.81 -9.91 3.58
CA ASP A 8 -2.46 -10.33 4.93
C ASP A 8 -1.27 -9.51 5.43
N ILE A 9 -1.56 -8.37 6.06
CA ILE A 9 -0.53 -7.49 6.57
C ILE A 9 -0.86 -7.00 7.97
N PRO A 10 -0.17 -7.54 9.00
CA PRO A 10 -0.33 -7.06 10.37
C PRO A 10 0.19 -5.66 10.40
N ALA A 11 0.42 -5.13 11.56
CA ALA A 11 0.93 -3.77 11.59
C ALA A 11 2.28 -3.74 10.87
N GLY A 12 2.26 -3.39 9.58
CA GLY A 12 3.47 -3.44 8.78
C GLY A 12 3.99 -2.13 8.23
N PRO A 13 5.31 -1.86 8.30
CA PRO A 13 5.86 -0.71 7.64
C PRO A 13 5.21 -0.57 6.26
N LEU A 14 5.16 0.62 5.72
CA LEU A 14 4.50 0.81 4.44
C LEU A 14 5.14 -0.03 3.32
N ALA A 15 6.35 0.32 2.87
CA ALA A 15 7.00 -0.40 1.78
C ALA A 15 6.83 -1.91 1.96
N PRO A 16 7.31 -2.45 3.10
CA PRO A 16 7.20 -3.87 3.39
C PRO A 16 5.76 -4.35 3.35
N ALA A 17 4.81 -3.48 3.72
CA ALA A 17 3.40 -3.87 3.67
C ALA A 17 2.99 -3.92 2.23
N LEU A 18 3.49 -2.95 1.46
CA LEU A 18 3.22 -2.89 0.06
C LEU A 18 3.98 -4.01 -0.64
N ALA A 19 5.01 -4.50 0.04
CA ALA A 19 5.80 -5.61 -0.48
C ALA A 19 5.02 -6.89 -0.26
N HIS A 20 4.21 -6.89 0.79
CA HIS A 20 3.37 -8.02 1.14
C HIS A 20 2.00 -7.90 0.48
N PHE A 21 1.60 -6.65 0.23
CA PHE A 21 0.31 -6.39 -0.37
C PHE A 21 0.33 -6.75 -1.84
N GLY A 22 1.19 -6.05 -2.57
CA GLY A 22 1.29 -6.23 -3.99
C GLY A 22 1.60 -7.64 -4.40
N GLN A 23 2.14 -8.42 -3.48
CA GLN A 23 2.48 -9.80 -3.74
C GLN A 23 1.22 -10.62 -3.94
N SER A 24 0.40 -10.68 -2.89
CA SER A 24 -0.85 -11.39 -2.94
C SER A 24 -1.88 -10.60 -3.70
N ALA A 25 -1.58 -9.31 -3.86
CA ALA A 25 -2.48 -8.39 -4.53
C ALA A 25 -2.10 -8.14 -5.96
N HIS A 26 -0.94 -8.61 -6.36
CA HIS A 26 -0.43 -8.38 -7.69
C HIS A 26 -0.34 -6.88 -7.93
N ILE A 27 -0.23 -6.11 -6.83
CA ILE A 27 -0.12 -4.66 -6.95
C ILE A 27 1.33 -4.25 -6.97
N LEU A 28 1.58 -3.14 -7.62
CA LEU A 28 2.88 -2.65 -7.82
C LEU A 28 2.85 -1.18 -7.54
N LEU A 29 3.71 -0.78 -6.67
CA LEU A 29 3.77 0.57 -6.21
C LEU A 29 5.21 1.07 -6.37
N SER A 30 5.39 2.35 -6.64
CA SER A 30 6.73 2.88 -6.87
C SER A 30 7.00 4.22 -6.19
N TYR A 31 7.95 4.18 -5.25
CA TYR A 31 8.38 5.35 -4.49
C TYR A 31 9.74 5.04 -3.88
N PRO A 32 10.47 6.06 -3.44
CA PRO A 32 11.80 5.88 -2.87
C PRO A 32 11.73 5.00 -1.65
N THR A 33 12.88 4.55 -1.19
CA THR A 33 12.89 3.82 0.03
C THR A 33 12.85 4.91 1.04
N ALA A 34 13.39 6.04 0.61
CA ALA A 34 13.47 7.23 1.41
C ALA A 34 12.14 7.44 2.11
N LEU A 35 11.08 7.59 1.31
CA LEU A 35 9.77 7.77 1.89
C LEU A 35 9.46 6.60 2.79
N THR A 36 9.47 5.40 2.20
CA THR A 36 9.14 4.19 2.90
C THR A 36 9.86 4.06 4.25
N GLU A 37 11.10 4.55 4.34
CA GLU A 37 11.84 4.51 5.59
C GLU A 37 11.31 5.57 6.54
N GLY A 38 10.01 5.55 6.67
CA GLY A 38 9.29 6.47 7.51
C GLY A 38 7.82 6.16 7.45
N ARG A 39 7.41 5.57 6.33
CA ARG A 39 6.04 5.20 6.12
C ARG A 39 5.74 3.81 6.67
N SER A 40 4.66 3.71 7.41
CA SER A 40 4.23 2.44 7.96
C SER A 40 2.75 2.31 7.77
N THR A 41 2.25 1.12 7.99
CA THR A 41 0.86 0.86 7.89
C THR A 41 0.59 -0.23 8.83
N SER A 42 -0.26 -0.02 9.78
CA SER A 42 -0.43 -1.09 10.66
C SER A 42 -1.77 -1.70 10.50
N GLY A 43 -1.98 -2.28 9.34
CA GLY A 43 -3.16 -3.04 9.14
C GLY A 43 -3.54 -3.28 7.71
N LEU A 44 -3.56 -4.50 7.24
CA LEU A 44 -4.06 -4.74 5.90
C LEU A 44 -4.11 -6.20 5.62
N ALA A 45 -5.29 -6.74 5.63
CA ALA A 45 -5.42 -8.15 5.40
C ALA A 45 -6.85 -8.55 5.10
N GLY A 46 -7.17 -8.61 3.82
CA GLY A 46 -8.51 -8.96 3.42
C GLY A 46 -8.65 -9.18 1.92
N ARG A 47 -9.79 -9.73 1.49
CA ARG A 47 -10.01 -9.94 0.06
C ARG A 47 -10.67 -8.69 -0.53
N PHE A 48 -9.87 -7.84 -1.16
CA PHE A 48 -10.36 -6.58 -1.74
C PHE A 48 -9.56 -6.14 -2.95
N ASP A 49 -9.67 -4.87 -3.31
CA ASP A 49 -8.94 -4.35 -4.45
C ASP A 49 -7.80 -3.42 -4.01
N ILE A 50 -6.96 -3.09 -4.98
CA ILE A 50 -5.87 -2.15 -4.79
C ILE A 50 -6.36 -1.07 -3.88
N ASP A 51 -7.51 -0.61 -4.28
CA ASP A 51 -8.25 0.43 -3.64
C ASP A 51 -8.39 0.24 -2.15
N GLN A 52 -9.14 -0.79 -1.81
CA GLN A 52 -9.43 -1.07 -0.41
C GLN A 52 -8.17 -1.53 0.30
N GLY A 53 -7.51 -2.55 -0.25
CA GLY A 53 -6.29 -3.01 0.36
C GLY A 53 -5.39 -1.83 0.64
N LEU A 54 -5.08 -1.09 -0.43
CA LEU A 54 -4.27 0.10 -0.26
C LEU A 54 -4.89 0.95 0.79
N ALA A 55 -6.03 1.53 0.47
CA ALA A 55 -6.70 2.40 1.42
C ALA A 55 -6.76 1.81 2.82
N ILE A 56 -6.65 0.49 2.96
CA ILE A 56 -6.66 -0.10 4.29
C ILE A 56 -5.30 0.08 4.88
N LEU A 57 -4.37 -0.52 4.20
CA LEU A 57 -2.97 -0.42 4.55
C LEU A 57 -2.63 1.04 4.74
N LEU A 58 -3.02 1.77 3.73
CA LEU A 58 -2.83 3.16 3.61
C LEU A 58 -3.82 3.93 4.43
N ALA A 59 -4.67 3.22 5.19
CA ALA A 59 -5.57 3.92 6.06
C ALA A 59 -4.78 5.07 6.57
N GLY A 60 -5.40 6.22 6.65
CA GLY A 60 -4.74 7.48 6.94
C GLY A 60 -3.33 7.45 7.53
N THR A 61 -2.43 6.59 7.01
CA THR A 61 -1.09 6.53 7.55
C THR A 61 -0.13 7.29 6.68
N GLY A 62 -0.16 8.56 6.93
CA GLY A 62 0.72 9.51 6.29
C GLY A 62 0.93 9.31 4.80
N LEU A 63 0.36 8.24 4.24
CA LEU A 63 0.59 7.89 2.85
C LEU A 63 -0.65 7.91 1.98
N GLU A 64 -0.41 7.77 0.67
CA GLU A 64 -1.45 7.76 -0.33
C GLU A 64 -1.00 7.05 -1.59
N ALA A 65 -1.82 6.11 -2.05
CA ALA A 65 -1.50 5.32 -3.23
C ALA A 65 -2.76 4.83 -3.98
N SER A 66 -2.66 4.74 -5.29
CA SER A 66 -3.76 4.26 -6.14
C SER A 66 -3.26 3.84 -7.54
N ARG A 67 -2.97 2.55 -7.71
CA ARG A 67 -2.47 1.98 -8.99
C ARG A 67 -3.07 2.62 -10.24
N GLY A 68 -2.26 2.55 -11.31
CA GLY A 68 -2.66 3.07 -12.60
C GLY A 68 -3.48 2.09 -13.40
N ALA A 69 -3.09 1.87 -14.65
CA ALA A 69 -3.79 0.95 -15.53
C ALA A 69 -2.83 -0.14 -15.98
N ASN A 70 -1.75 -0.29 -15.22
CA ASN A 70 -0.73 -1.26 -15.52
C ASN A 70 -0.29 -1.98 -14.24
N ALA A 71 -1.02 -1.69 -13.18
CA ALA A 71 -0.78 -2.26 -11.86
C ALA A 71 0.43 -1.65 -11.18
N SER A 72 1.00 -0.63 -11.80
CA SER A 72 2.14 0.02 -11.20
C SER A 72 1.75 1.42 -10.78
N TYR A 73 2.02 1.74 -9.54
CA TYR A 73 1.67 3.04 -9.03
C TYR A 73 2.80 3.76 -8.35
N SER A 74 2.51 4.99 -7.96
CA SER A 74 3.42 5.83 -7.23
C SER A 74 2.77 6.20 -5.91
N LEU A 75 3.55 6.26 -4.84
CA LEU A 75 2.98 6.58 -3.53
C LEU A 75 2.92 8.06 -3.28
N GLN A 76 2.32 8.40 -2.17
CA GLN A 76 2.17 9.77 -1.74
C GLN A 76 2.23 9.82 -0.23
N ALA A 77 2.78 10.90 0.31
CA ALA A 77 2.95 11.01 1.73
C ALA A 77 2.48 12.32 2.33
N SER A 78 1.25 12.32 2.82
CA SER A 78 0.70 13.48 3.50
C SER A 78 0.92 13.27 5.00
N ALA A 79 1.98 13.89 5.52
CA ALA A 79 2.32 13.71 6.94
C ALA A 79 2.63 12.24 7.21
N SER A 80 3.73 11.77 6.61
CA SER A 80 4.18 10.37 6.72
C SER A 80 3.68 9.64 7.96
N THR A 81 3.25 8.40 7.74
CA THR A 81 2.72 7.53 8.80
C THR A 81 1.82 8.30 9.76
N GLY A 82 1.21 9.36 9.23
CA GLY A 82 0.31 10.18 10.00
C GLY A 82 1.01 11.09 10.99
N GLY A 1 -7.33 1.56 -10.33
CA GLY A 1 -6.86 0.15 -10.27
C GLY A 1 -8.01 -0.84 -10.10
N SER A 2 -7.85 -2.03 -10.66
CA SER A 2 -8.88 -3.06 -10.56
C SER A 2 -8.24 -4.41 -10.27
N ALA A 3 -7.22 -4.38 -9.45
CA ALA A 3 -6.52 -5.60 -9.07
C ALA A 3 -6.89 -5.98 -7.66
N GLN A 4 -7.83 -6.92 -7.54
CA GLN A 4 -8.29 -7.35 -6.23
C GLN A 4 -7.69 -8.69 -5.86
N ALA A 5 -7.65 -8.96 -4.56
CA ALA A 5 -7.09 -10.19 -4.04
C ALA A 5 -7.33 -10.32 -2.55
N ASP A 6 -6.64 -11.30 -1.95
CA ASP A 6 -6.70 -11.55 -0.53
C ASP A 6 -5.38 -11.05 0.08
N PHE A 7 -5.45 -10.04 0.93
CA PHE A 7 -4.24 -9.45 1.48
C PHE A 7 -4.01 -9.90 2.91
N ASP A 8 -2.73 -9.83 3.31
CA ASP A 8 -2.30 -10.22 4.63
C ASP A 8 -1.09 -9.39 5.08
N ILE A 9 -1.36 -8.23 5.69
CA ILE A 9 -0.33 -7.35 6.16
C ILE A 9 -0.53 -6.91 7.59
N PRO A 10 0.53 -7.03 8.38
CA PRO A 10 0.55 -6.61 9.75
C PRO A 10 1.00 -5.17 9.86
N ALA A 11 1.50 -4.87 11.02
CA ALA A 11 2.00 -3.57 11.38
C ALA A 11 2.89 -2.80 10.38
N GLY A 12 3.42 -1.72 10.98
CA GLY A 12 4.30 -0.68 10.43
C GLY A 12 4.65 -0.68 8.97
N PRO A 13 5.83 -0.09 8.64
CA PRO A 13 6.24 0.26 7.30
C PRO A 13 5.49 -0.42 6.20
N LEU A 14 5.01 0.46 5.33
CA LEU A 14 4.30 0.11 4.13
C LEU A 14 5.17 -0.70 3.18
N ALA A 15 6.45 -0.30 3.05
CA ALA A 15 7.40 -0.97 2.15
C ALA A 15 7.14 -2.47 2.11
N PRO A 16 7.23 -3.09 3.29
CA PRO A 16 7.06 -4.52 3.41
C PRO A 16 5.59 -4.87 3.38
N ALA A 17 4.76 -3.88 3.67
CA ALA A 17 3.33 -4.08 3.60
C ALA A 17 2.95 -4.23 2.14
N LEU A 18 3.17 -3.17 1.34
CA LEU A 18 2.93 -3.24 -0.10
C LEU A 18 3.73 -4.42 -0.65
N ALA A 19 4.93 -4.63 -0.12
CA ALA A 19 5.74 -5.76 -0.59
C ALA A 19 4.95 -7.06 -0.42
N HIS A 20 4.11 -7.08 0.61
CA HIS A 20 3.27 -8.23 0.90
C HIS A 20 1.92 -8.11 0.20
N PHE A 21 1.47 -6.87 0.05
CA PHE A 21 0.19 -6.59 -0.57
C PHE A 21 0.21 -6.98 -2.04
N GLY A 22 1.08 -6.31 -2.79
CA GLY A 22 1.15 -6.54 -4.20
C GLY A 22 1.48 -7.94 -4.60
N GLN A 23 2.00 -8.72 -3.65
CA GLN A 23 2.35 -10.10 -3.89
C GLN A 23 1.08 -10.93 -4.05
N SER A 24 0.26 -10.93 -3.01
CA SER A 24 -0.98 -11.64 -3.01
C SER A 24 -2.01 -10.86 -3.81
N ALA A 25 -1.71 -9.57 -3.99
CA ALA A 25 -2.60 -8.67 -4.70
C ALA A 25 -2.19 -8.44 -6.14
N HIS A 26 -1.01 -8.90 -6.50
CA HIS A 26 -0.51 -8.69 -7.85
C HIS A 26 -0.41 -7.20 -8.11
N ILE A 27 -0.30 -6.43 -7.02
CA ILE A 27 -0.20 -4.97 -7.14
C ILE A 27 1.25 -4.54 -7.15
N LEU A 28 1.45 -3.35 -7.65
CA LEU A 28 2.76 -2.80 -7.89
C LEU A 28 2.87 -1.47 -7.25
N LEU A 29 3.83 -1.33 -6.38
CA LEU A 29 3.98 -0.12 -5.64
C LEU A 29 5.37 0.50 -5.79
N SER A 30 5.46 1.51 -6.67
CA SER A 30 6.73 2.19 -6.92
C SER A 30 6.92 3.33 -5.93
N TYR A 31 7.96 3.24 -5.14
CA TYR A 31 8.27 4.23 -4.12
C TYR A 31 9.74 4.13 -3.70
N PRO A 32 10.31 5.25 -3.26
CA PRO A 32 11.70 5.29 -2.81
C PRO A 32 11.82 4.57 -1.49
N THR A 33 13.03 4.28 -1.05
CA THR A 33 13.18 3.64 0.23
C THR A 33 13.10 4.77 1.22
N ALA A 34 13.35 5.95 0.68
CA ALA A 34 13.31 7.16 1.45
C ALA A 34 11.91 7.36 1.97
N LEU A 35 10.94 7.20 1.07
CA LEU A 35 9.54 7.34 1.43
C LEU A 35 9.09 6.18 2.30
N THR A 36 9.37 4.96 1.84
CA THR A 36 8.97 3.78 2.57
C THR A 36 9.46 3.84 4.00
N GLU A 37 10.76 4.06 4.19
CA GLU A 37 11.32 4.14 5.51
C GLU A 37 11.00 5.47 6.16
N GLY A 38 9.83 5.95 5.85
CA GLY A 38 9.32 7.18 6.37
C GLY A 38 7.91 7.01 6.84
N ARG A 39 7.18 6.15 6.13
CA ARG A 39 5.82 5.86 6.44
C ARG A 39 5.60 4.41 6.77
N SER A 40 4.53 4.18 7.49
CA SER A 40 4.22 2.84 7.90
C SER A 40 2.76 2.57 7.93
N THR A 41 2.44 1.37 8.36
CA THR A 41 1.06 0.98 8.45
C THR A 41 0.92 -0.17 9.36
N SER A 42 -0.13 -0.22 10.14
CA SER A 42 -0.27 -1.36 10.94
C SER A 42 -1.61 -1.99 10.67
N GLY A 43 -1.80 -2.48 9.44
CA GLY A 43 -3.00 -3.21 9.18
C GLY A 43 -3.40 -3.34 7.74
N LEU A 44 -3.43 -4.55 7.20
CA LEU A 44 -3.98 -4.74 5.87
C LEU A 44 -4.00 -6.17 5.52
N ALA A 45 -5.16 -6.76 5.62
CA ALA A 45 -5.24 -8.17 5.34
C ALA A 45 -6.67 -8.64 5.11
N GLY A 46 -7.06 -8.66 3.85
CA GLY A 46 -8.41 -9.09 3.51
C GLY A 46 -8.62 -9.26 2.03
N ARG A 47 -9.70 -9.91 1.64
CA ARG A 47 -10.00 -10.08 0.22
C ARG A 47 -10.69 -8.82 -0.30
N PHE A 48 -9.90 -7.95 -0.94
CA PHE A 48 -10.43 -6.67 -1.45
C PHE A 48 -9.72 -6.24 -2.71
N ASP A 49 -9.85 -4.97 -3.05
CA ASP A 49 -9.21 -4.42 -4.24
C ASP A 49 -8.01 -3.54 -3.90
N ILE A 50 -7.15 -3.32 -4.90
CA ILE A 50 -6.02 -2.44 -4.80
C ILE A 50 -6.39 -1.29 -3.91
N ASP A 51 -7.52 -0.75 -4.29
CA ASP A 51 -8.16 0.36 -3.66
C ASP A 51 -8.33 0.17 -2.17
N GLN A 52 -9.11 -0.83 -1.82
CA GLN A 52 -9.39 -1.09 -0.42
C GLN A 52 -8.14 -1.51 0.30
N GLY A 53 -7.49 -2.55 -0.20
CA GLY A 53 -6.25 -3.00 0.41
C GLY A 53 -5.34 -1.82 0.65
N LEU A 54 -5.03 -1.11 -0.44
CA LEU A 54 -4.19 0.07 -0.32
C LEU A 54 -4.78 0.95 0.72
N ALA A 55 -5.96 1.49 0.43
CA ALA A 55 -6.65 2.37 1.36
C ALA A 55 -6.69 1.81 2.78
N ILE A 56 -6.55 0.50 2.95
CA ILE A 56 -6.54 -0.08 4.28
C ILE A 56 -5.18 0.12 4.87
N LEU A 57 -4.25 -0.46 4.17
CA LEU A 57 -2.84 -0.37 4.51
C LEU A 57 -2.45 1.08 4.62
N LEU A 58 -3.13 1.85 3.81
CA LEU A 58 -2.94 3.23 3.69
C LEU A 58 -3.93 4.00 4.50
N ALA A 59 -4.75 3.27 5.27
CA ALA A 59 -5.68 3.92 6.14
C ALA A 59 -4.96 5.11 6.69
N GLY A 60 -5.67 6.18 6.95
CA GLY A 60 -5.11 7.45 7.33
C GLY A 60 -3.68 7.50 7.88
N THR A 61 -2.72 6.77 7.27
CA THR A 61 -1.37 6.83 7.77
C THR A 61 -0.53 7.73 6.93
N GLY A 62 -0.72 8.99 7.24
CA GLY A 62 0.02 10.06 6.60
C GLY A 62 0.21 9.91 5.10
N LEU A 63 -0.28 8.80 4.53
CA LEU A 63 -0.03 8.49 3.14
C LEU A 63 -1.24 8.46 2.23
N GLU A 64 -0.92 8.16 0.98
CA GLU A 64 -1.87 8.05 -0.10
C GLU A 64 -1.16 7.47 -1.31
N ALA A 65 -1.73 6.44 -1.92
CA ALA A 65 -1.07 5.80 -3.05
C ALA A 65 -1.73 6.20 -4.38
N SER A 66 -0.88 6.62 -5.31
CA SER A 66 -1.34 7.03 -6.64
C SER A 66 -1.30 5.85 -7.63
N ARG A 67 -2.08 5.95 -8.71
CA ARG A 67 -2.14 4.90 -9.71
C ARG A 67 -1.27 5.22 -10.94
N GLY A 68 -0.85 4.17 -11.65
CA GLY A 68 -0.04 4.34 -12.84
C GLY A 68 -0.83 4.06 -14.11
N ALA A 69 -0.16 3.51 -15.12
CA ALA A 69 -0.83 3.20 -16.38
C ALA A 69 -0.67 1.72 -16.69
N ASN A 70 -0.36 0.95 -15.65
CA ASN A 70 -0.14 -0.47 -15.80
C ASN A 70 -0.30 -1.20 -14.47
N ALA A 71 -1.26 -0.74 -13.69
CA ALA A 71 -1.55 -1.31 -12.37
C ALA A 71 -0.43 -0.99 -11.39
N SER A 72 0.58 -0.26 -11.87
CA SER A 72 1.69 0.10 -11.02
C SER A 72 1.38 1.38 -10.26
N TYR A 73 1.04 1.20 -8.99
CA TYR A 73 0.72 2.29 -8.13
C TYR A 73 1.97 2.83 -7.45
N SER A 74 1.94 4.10 -7.12
CA SER A 74 3.05 4.73 -6.43
C SER A 74 2.52 5.33 -5.15
N LEU A 75 3.39 5.79 -4.28
CA LEU A 75 2.92 6.35 -3.02
C LEU A 75 2.99 7.87 -3.00
N GLN A 76 2.19 8.41 -2.09
CA GLN A 76 2.08 9.84 -1.83
C GLN A 76 1.92 9.99 -0.33
N ALA A 77 2.53 11.02 0.22
CA ALA A 77 2.54 11.20 1.66
C ALA A 77 2.16 12.60 2.13
N SER A 78 0.92 12.76 2.54
CA SER A 78 0.46 14.03 3.10
C SER A 78 0.54 13.91 4.61
N ALA A 79 1.63 14.45 5.19
CA ALA A 79 1.86 14.34 6.63
C ALA A 79 2.08 12.87 6.99
N SER A 80 3.07 12.26 6.31
CA SER A 80 3.43 10.85 6.48
C SER A 80 3.18 10.32 7.89
N THR A 81 2.80 9.04 7.96
CA THR A 81 2.51 8.36 9.22
C THR A 81 1.75 9.28 10.17
N GLY A 82 0.87 10.08 9.58
CA GLY A 82 0.06 11.01 10.34
C GLY A 82 -0.78 10.34 11.40
#